data_7BZG
#
_entry.id   7BZG
#
_cell.length_a   56.086
_cell.length_b   109.309
_cell.length_c   160.423
_cell.angle_alpha   90.00
_cell.angle_beta   99.76
_cell.angle_gamma   90.00
#
_symmetry.space_group_name_H-M   'P 1 21 1'
#
loop_
_entity.id
_entity.type
_entity.pdbx_description
1 polymer 'HTH-type transcriptional activator HxlR'
2 polymer "DNA (5'-D(*CP*AP*GP*TP*AP*TP*CP*CP*TP*CP*GP*AP*GP*GP*AP*TP*AP*CP*TP*G)-3')"
3 non-polymer 'FORMYL GROUP'
4 non-polymer 'TRIETHYLENE GLYCOL'
5 non-polymer 'MAGNESIUM ION'
6 non-polymer 3,6,9,12,15,18,21-HEPTAOXATRICOSANE-1,23-DIOL
7 non-polymer DI(HYDROXYETHYL)ETHER
8 water water
#
loop_
_entity_poly.entity_id
_entity_poly.type
_entity_poly.pdbx_seq_one_letter_code
_entity_poly.pdbx_strand_id
1 'polypeptide(L)'
;GSHMSRMDDKRFNCEKELTLAVIGGKWKMLILWHLGKEGTKRFNELKTLIPDITQKILVNQLRELEQDMIVHREVYPVVP
PKVEYSLTPHGESLMPILEAMYEWGKGYMELIDIDKNVMKESL
;
A,B,E,F,I,J
2 'polydeoxyribonucleotide' (DC)(DA)(DG)(DT)(DA)(DT)(DC)(DC)(DT)(DC)(DG)(DA)(DG)(DG)(DA)(DT)(DA)(DC)(DT)(DG) C,D,G,H,K,L
#
# COMPACT_ATOMS: atom_id res chain seq x y z
N SER A 5 -10.78 5.54 28.44
CA SER A 5 -10.16 4.67 29.43
C SER A 5 -10.41 3.19 29.12
N ARG A 6 -9.68 2.32 29.83
CA ARG A 6 -9.90 0.89 29.69
C ARG A 6 -11.28 0.50 30.20
N MET A 7 -11.72 1.10 31.30
CA MET A 7 -12.93 0.69 32.00
C MET A 7 -14.17 1.46 31.55
N ASP A 8 -14.15 2.05 30.35
CA ASP A 8 -15.32 2.79 29.87
C ASP A 8 -16.46 1.85 29.55
N ASP A 9 -16.15 0.65 29.05
CA ASP A 9 -17.18 -0.33 28.70
C ASP A 9 -17.75 -1.02 29.93
N LYS A 10 -16.93 -1.21 30.96
CA LYS A 10 -17.29 -2.11 32.04
C LYS A 10 -18.40 -1.54 32.89
N ARG A 11 -19.19 -2.43 33.49
CA ARG A 11 -20.25 -2.07 34.43
C ARG A 11 -19.94 -2.71 35.77
N PHE A 12 -19.83 -1.89 36.80
CA PHE A 12 -19.45 -2.34 38.14
C PHE A 12 -20.63 -2.19 39.09
N ASN A 13 -20.76 -3.14 40.02
CA ASN A 13 -21.69 -2.99 41.14
C ASN A 13 -21.01 -2.40 42.37
N CYS A 14 -19.71 -2.08 42.28
CA CYS A 14 -18.98 -1.51 43.40
C CYS A 14 -17.70 -0.86 42.86
N GLU A 15 -17.27 0.19 43.55
CA GLU A 15 -15.99 0.81 43.21
C GLU A 15 -14.81 -0.09 43.54
N LYS A 16 -15.02 -1.08 44.41
CA LYS A 16 -13.97 -2.06 44.68
C LYS A 16 -13.66 -2.89 43.44
N GLU A 17 -14.69 -3.23 42.66
CA GLU A 17 -14.47 -3.94 41.41
C GLU A 17 -13.60 -3.13 40.45
N LEU A 18 -13.66 -1.80 40.54
CA LEU A 18 -12.81 -0.96 39.70
C LEU A 18 -11.34 -1.11 40.11
N THR A 19 -11.05 -1.01 41.40
CA THR A 19 -9.70 -1.29 41.90
C THR A 19 -9.23 -2.67 41.47
N LEU A 20 -10.11 -3.67 41.59
CA LEU A 20 -9.77 -5.02 41.15
C LEU A 20 -9.43 -5.04 39.66
N ALA A 21 -10.14 -4.27 38.86
CA ALA A 21 -9.88 -4.19 37.44
C ALA A 21 -8.52 -3.56 37.14
N VAL A 22 -7.99 -2.76 38.07
CA VAL A 22 -6.69 -2.13 37.84
C VAL A 22 -5.56 -3.07 38.24
N ILE A 23 -5.73 -3.84 39.31
CA ILE A 23 -4.66 -4.66 39.85
C ILE A 23 -4.90 -6.15 39.69
N GLY A 24 -6.07 -6.56 39.16
CA GLY A 24 -6.41 -7.98 39.13
C GLY A 24 -5.67 -8.78 38.09
N GLY A 25 -5.26 -8.15 36.99
CA GLY A 25 -4.59 -8.83 35.90
C GLY A 25 -3.41 -9.68 36.33
N LYS A 26 -3.12 -10.73 35.56
CA LYS A 26 -2.41 -11.90 36.10
C LYS A 26 -1.12 -11.54 36.83
N TRP A 27 -0.29 -10.67 36.24
CA TRP A 27 1.01 -10.39 36.85
C TRP A 27 1.13 -8.98 37.40
N LYS A 28 0.04 -8.21 37.42
CA LYS A 28 0.17 -6.78 37.67
C LYS A 28 0.70 -6.49 39.06
N MET A 29 0.20 -7.20 40.08
CA MET A 29 0.64 -6.92 41.45
C MET A 29 2.12 -7.19 41.62
N LEU A 30 2.64 -8.22 40.96
CA LEU A 30 4.08 -8.46 40.99
C LEU A 30 4.85 -7.31 40.34
N ILE A 31 4.36 -6.82 39.20
CA ILE A 31 4.99 -5.68 38.55
C ILE A 31 4.98 -4.46 39.47
N LEU A 32 3.79 -4.11 39.99
CA LEU A 32 3.68 -2.92 40.82
C LEU A 32 4.52 -3.05 42.08
N TRP A 33 4.61 -4.25 42.64
CA TRP A 33 5.41 -4.46 43.84
C TRP A 33 6.88 -4.13 43.57
N HIS A 34 7.44 -4.71 42.50
CA HIS A 34 8.84 -4.46 42.19
C HIS A 34 9.11 -2.98 41.94
N LEU A 35 8.22 -2.31 41.22
CA LEU A 35 8.45 -0.90 40.91
C LEU A 35 8.28 -0.03 42.14
N GLY A 36 7.35 -0.37 43.04
CA GLY A 36 7.13 0.46 44.21
C GLY A 36 8.16 0.29 45.30
N LYS A 37 8.79 -0.88 45.37
CA LYS A 37 9.77 -1.17 46.41
C LYS A 37 11.20 -1.26 45.87
N GLU A 38 11.40 -1.12 44.56
CA GLU A 38 12.74 -1.06 43.98
C GLU A 38 12.93 0.11 43.03
N GLY A 39 11.95 1.00 42.92
CA GLY A 39 12.08 2.13 42.04
C GLY A 39 11.99 1.75 40.57
N THR A 40 12.63 2.57 39.74
CA THR A 40 12.50 2.43 38.29
C THR A 40 13.26 1.21 37.79
N LYS A 41 12.68 0.52 36.81
CA LYS A 41 13.29 -0.64 36.18
C LYS A 41 13.10 -0.56 34.67
N ARG A 42 14.12 -0.96 33.91
CA ARG A 42 13.96 -1.11 32.48
C ARG A 42 13.23 -2.41 32.16
N PHE A 43 12.78 -2.54 30.91
CA PHE A 43 11.97 -3.70 30.53
C PHE A 43 12.68 -5.00 30.87
N ASN A 44 13.88 -5.19 30.34
CA ASN A 44 14.58 -6.46 30.54
C ASN A 44 14.86 -6.74 32.01
N GLU A 45 14.95 -5.69 32.83
CA GLU A 45 15.10 -5.90 34.27
C GLU A 45 13.83 -6.49 34.87
N LEU A 46 12.66 -5.99 34.45
CA LEU A 46 11.41 -6.57 34.92
C LEU A 46 11.26 -8.00 34.43
N LYS A 47 11.71 -8.29 33.21
CA LYS A 47 11.58 -9.64 32.69
C LYS A 47 12.46 -10.63 33.44
N THR A 48 13.62 -10.18 33.93
CA THR A 48 14.47 -11.08 34.70
C THR A 48 13.94 -11.30 36.10
N LEU A 49 13.38 -10.24 36.71
CA LEU A 49 12.73 -10.39 38.01
C LEU A 49 11.49 -11.29 37.93
N ILE A 50 10.91 -11.46 36.74
CA ILE A 50 9.72 -12.28 36.54
C ILE A 50 10.00 -13.28 35.42
N PRO A 51 10.69 -14.40 35.71
CA PRO A 51 11.17 -15.26 34.62
C PRO A 51 10.07 -15.97 33.85
N ASP A 52 8.96 -16.33 34.51
CA ASP A 52 7.95 -17.16 33.87
C ASP A 52 7.07 -16.39 32.89
N ILE A 53 7.12 -15.06 32.88
CA ILE A 53 6.23 -14.28 32.04
C ILE A 53 6.78 -14.23 30.62
N THR A 54 5.88 -14.23 29.65
CA THR A 54 6.25 -14.08 28.25
C THR A 54 6.29 -12.60 27.88
N GLN A 55 6.96 -12.31 26.76
CA GLN A 55 7.19 -10.92 26.39
C GLN A 55 5.89 -10.22 26.03
N LYS A 56 5.05 -10.85 25.19
CA LYS A 56 3.79 -10.23 24.81
C LYS A 56 2.92 -9.93 26.01
N ILE A 57 2.96 -10.77 27.04
CA ILE A 57 2.10 -10.54 28.21
C ILE A 57 2.67 -9.46 29.11
N LEU A 58 3.99 -9.45 29.33
CA LEU A 58 4.59 -8.42 30.18
C LEU A 58 4.34 -7.03 29.62
N VAL A 59 4.47 -6.87 28.30
CA VAL A 59 4.21 -5.55 27.71
C VAL A 59 2.72 -5.23 27.80
N ASN A 60 1.85 -6.21 27.59
CA ASN A 60 0.42 -5.95 27.65
C ASN A 60 0.01 -5.46 29.04
N GLN A 61 0.45 -6.18 30.08
CA GLN A 61 0.10 -5.76 31.44
C GLN A 61 0.68 -4.38 31.74
N LEU A 62 1.89 -4.09 31.26
CA LEU A 62 2.46 -2.77 31.44
C LEU A 62 1.65 -1.72 30.71
N ARG A 63 1.17 -2.04 29.51
CA ARG A 63 0.40 -1.07 28.74
C ARG A 63 -0.93 -0.77 29.40
N GLU A 64 -1.62 -1.79 29.89
CA GLU A 64 -2.88 -1.58 30.60
C GLU A 64 -2.65 -0.77 31.88
N LEU A 65 -1.56 -1.05 32.58
CA LEU A 65 -1.23 -0.27 33.78
C LEU A 65 -0.89 1.16 33.43
N GLU A 66 -0.32 1.40 32.25
CA GLU A 66 -0.06 2.77 31.82
C GLU A 66 -1.35 3.48 31.40
N GLN A 67 -2.23 2.79 30.66
CA GLN A 67 -3.51 3.38 30.32
C GLN A 67 -4.33 3.71 31.56
N ASP A 68 -4.17 2.93 32.62
CA ASP A 68 -4.84 3.22 33.87
C ASP A 68 -4.14 4.30 34.68
N MET A 69 -3.06 4.88 34.14
CA MET A 69 -2.31 5.97 34.78
C MET A 69 -1.63 5.51 36.07
N ILE A 70 -1.31 4.22 36.16
CA ILE A 70 -0.70 3.65 37.35
C ILE A 70 0.82 3.58 37.18
N VAL A 71 1.27 3.38 35.94
CA VAL A 71 2.67 3.18 35.62
C VAL A 71 3.09 4.20 34.58
N HIS A 72 4.24 4.83 34.80
CA HIS A 72 4.82 5.75 33.85
C HIS A 72 5.87 5.06 33.01
N ARG A 73 5.87 5.35 31.71
CA ARG A 73 6.79 4.75 30.75
C ARG A 73 7.61 5.86 30.11
N GLU A 74 8.93 5.67 30.09
CA GLU A 74 9.86 6.67 29.54
C GLU A 74 10.78 6.01 28.53
N VAL A 75 10.67 6.45 27.28
CA VAL A 75 11.49 5.95 26.18
C VAL A 75 12.57 6.96 25.86
N TYR A 76 13.85 6.51 25.81
CA TYR A 76 15.01 7.33 25.49
C TYR A 76 15.52 7.02 24.09
N PRO A 77 15.86 8.04 23.30
CA PRO A 77 16.34 7.83 21.92
C PRO A 77 17.80 7.45 21.84
N VAL A 78 18.13 6.29 22.41
CA VAL A 78 19.50 5.82 22.53
C VAL A 78 19.62 4.44 21.86
N VAL A 79 20.86 4.05 21.60
CA VAL A 79 21.18 2.73 21.05
C VAL A 79 22.18 2.07 21.98
N PRO A 80 21.90 0.88 22.52
CA PRO A 80 20.64 0.14 22.34
C PRO A 80 19.47 0.81 23.03
N PRO A 81 18.25 0.49 22.61
CA PRO A 81 17.06 1.16 23.16
C PRO A 81 16.98 1.04 24.67
N LYS A 82 16.25 1.98 25.28
CA LYS A 82 16.15 2.10 26.72
C LYS A 82 14.74 2.57 27.06
N VAL A 83 14.00 1.76 27.80
CA VAL A 83 12.64 2.09 28.22
C VAL A 83 12.52 1.82 29.71
N GLU A 84 12.13 2.84 30.47
CA GLU A 84 12.05 2.74 31.92
C GLU A 84 10.59 2.78 32.36
N TYR A 85 10.25 1.93 33.33
CA TYR A 85 8.93 1.91 33.93
C TYR A 85 9.04 2.26 35.40
N SER A 86 8.11 3.08 35.87
CA SER A 86 8.08 3.55 37.25
C SER A 86 6.64 3.83 37.63
N LEU A 87 6.42 4.00 38.93
CA LEU A 87 5.08 4.26 39.42
C LEU A 87 4.75 5.75 39.32
N THR A 88 3.53 6.04 38.87
CA THR A 88 2.96 7.37 38.97
C THR A 88 2.50 7.60 40.42
N PRO A 89 2.23 8.85 40.79
CA PRO A 89 1.70 9.11 42.15
C PRO A 89 0.48 8.27 42.49
N HIS A 90 -0.39 7.99 41.51
CA HIS A 90 -1.51 7.10 41.76
C HIS A 90 -1.05 5.67 41.97
N GLY A 91 -0.04 5.24 41.23
CA GLY A 91 0.57 3.95 41.51
C GLY A 91 1.09 3.87 42.93
N GLU A 92 1.73 4.95 43.40
CA GLU A 92 2.24 4.98 44.77
C GLU A 92 1.10 4.87 45.76
N SER A 93 -0.06 5.45 45.44
CA SER A 93 -1.22 5.36 46.32
C SER A 93 -1.74 3.93 46.45
N LEU A 94 -1.45 3.08 45.47
CA LEU A 94 -1.88 1.68 45.52
C LEU A 94 -1.02 0.83 46.44
N MET A 95 0.16 1.33 46.85
CA MET A 95 1.06 0.52 47.65
C MET A 95 0.50 0.12 49.01
N PRO A 96 -0.19 1.00 49.76
CA PRO A 96 -0.78 0.54 51.04
C PRO A 96 -1.74 -0.63 50.89
N ILE A 97 -2.55 -0.64 49.82
CA ILE A 97 -3.43 -1.79 49.59
C ILE A 97 -2.60 -3.04 49.31
N LEU A 98 -1.59 -2.92 48.44
CA LEU A 98 -0.74 -4.07 48.13
C LEU A 98 -0.05 -4.60 49.37
N GLU A 99 0.40 -3.70 50.25
CA GLU A 99 1.03 -4.15 51.49
C GLU A 99 0.04 -4.86 52.40
N ALA A 100 -1.18 -4.31 52.52
CA ALA A 100 -2.21 -4.96 53.32
C ALA A 100 -2.48 -6.37 52.80
N MET A 101 -2.55 -6.52 51.47
CA MET A 101 -2.78 -7.85 50.90
C MET A 101 -1.58 -8.77 51.13
N TYR A 102 -0.37 -8.22 51.17
CA TYR A 102 0.80 -9.03 51.46
C TYR A 102 0.75 -9.60 52.87
N GLU A 103 0.39 -8.76 53.84
CA GLU A 103 0.36 -9.22 55.23
C GLU A 103 -0.81 -10.16 55.46
N TRP A 104 -1.97 -9.88 54.85
CA TRP A 104 -3.09 -10.81 54.98
C TRP A 104 -2.77 -12.15 54.35
N GLY A 105 -2.04 -12.15 53.23
CA GLY A 105 -1.66 -13.40 52.59
C GLY A 105 -0.74 -14.23 53.46
N LYS A 106 0.22 -13.58 54.11
CA LYS A 106 1.11 -14.29 55.02
C LYS A 106 0.33 -14.90 56.18
N GLY A 107 -0.54 -14.12 56.81
CA GLY A 107 -1.35 -14.65 57.90
C GLY A 107 -2.25 -15.78 57.46
N TYR A 108 -2.78 -15.71 56.24
CA TYR A 108 -3.67 -16.76 55.76
C TYR A 108 -2.94 -18.06 55.53
N MET A 109 -1.72 -17.96 55.00
CA MET A 109 -0.90 -19.15 54.70
C MET A 109 -0.50 -19.91 55.95
N GLU A 110 -0.21 -19.16 57.00
CA GLU A 110 0.11 -19.79 58.26
C GLU A 110 -0.99 -20.78 58.67
N LEU A 111 -2.24 -20.34 58.65
CA LEU A 111 -3.32 -21.14 59.22
C LEU A 111 -3.75 -22.30 58.32
N ILE A 112 -3.43 -22.27 57.02
CA ILE A 112 -3.90 -23.32 56.12
C ILE A 112 -2.87 -24.43 55.91
N ASP A 113 -1.59 -24.18 56.14
CA ASP A 113 -0.58 -25.21 55.95
C ASP A 113 0.03 -25.67 57.27
N ILE A 114 -0.60 -25.35 58.39
CA ILE A 114 -0.32 -26.06 59.63
C ILE A 114 -1.53 -26.94 59.96
N SER B 5 -7.67 -27.86 50.82
CA SER B 5 -7.53 -26.48 50.40
C SER B 5 -7.79 -26.31 48.91
N ARG B 6 -8.37 -25.15 48.55
CA ARG B 6 -8.52 -24.84 47.13
C ARG B 6 -7.18 -24.59 46.45
N MET B 7 -6.21 -24.07 47.20
CA MET B 7 -4.97 -23.55 46.64
C MET B 7 -3.86 -24.59 46.54
N ASP B 8 -4.14 -25.85 46.82
CA ASP B 8 -3.09 -26.86 46.78
C ASP B 8 -2.50 -27.02 45.38
N ASP B 9 -3.31 -26.77 44.34
CA ASP B 9 -2.87 -26.93 42.96
C ASP B 9 -2.19 -25.70 42.39
N LYS B 10 -2.20 -24.58 43.11
CA LYS B 10 -1.78 -23.30 42.56
C LYS B 10 -0.38 -22.91 43.05
N ARG B 11 0.29 -22.09 42.24
CA ARG B 11 1.63 -21.60 42.55
C ARG B 11 1.64 -20.09 42.46
N PHE B 12 2.29 -19.44 43.42
CA PHE B 12 2.25 -17.99 43.56
C PHE B 12 3.66 -17.41 43.61
N ASN B 13 3.82 -16.22 43.02
CA ASN B 13 5.06 -15.45 43.16
C ASN B 13 5.00 -14.47 44.32
N CYS B 14 3.86 -14.34 45.00
CA CYS B 14 3.72 -13.43 46.12
C CYS B 14 2.55 -13.89 46.99
N GLU B 15 2.58 -13.47 48.25
CA GLU B 15 1.46 -13.74 49.14
C GLU B 15 0.26 -12.85 48.82
N LYS B 16 0.48 -11.73 48.13
CA LYS B 16 -0.65 -10.92 47.68
C LYS B 16 -1.48 -11.68 46.66
N GLU B 17 -0.84 -12.46 45.80
CA GLU B 17 -1.56 -13.27 44.83
C GLU B 17 -2.47 -14.29 45.51
N LEU B 18 -2.17 -14.65 46.76
CA LEU B 18 -3.04 -15.55 47.51
C LEU B 18 -4.31 -14.83 47.95
N THR B 19 -4.16 -13.65 48.56
CA THR B 19 -5.31 -12.82 48.88
C THR B 19 -6.19 -12.61 47.66
N LEU B 20 -5.58 -12.27 46.52
CA LEU B 20 -6.33 -12.10 45.29
C LEU B 20 -7.06 -13.38 44.90
N ALA B 21 -6.43 -14.53 45.11
CA ALA B 21 -7.11 -15.80 44.83
C ALA B 21 -8.35 -15.98 45.69
N VAL B 22 -8.36 -15.37 46.88
CA VAL B 22 -9.50 -15.55 47.79
C VAL B 22 -10.66 -14.67 47.38
N ILE B 23 -10.38 -13.41 46.99
CA ILE B 23 -11.43 -12.40 46.81
C ILE B 23 -11.59 -11.98 45.36
N GLY B 24 -10.75 -12.45 44.45
CA GLY B 24 -10.79 -11.97 43.08
C GLY B 24 -11.88 -12.53 42.21
N GLY B 25 -12.58 -13.58 42.66
CA GLY B 25 -13.62 -14.18 41.84
C GLY B 25 -14.74 -13.21 41.51
N LYS B 26 -15.47 -13.56 40.45
CA LYS B 26 -16.29 -12.61 39.70
C LYS B 26 -17.26 -11.83 40.58
N TRP B 27 -17.91 -12.48 41.55
CA TRP B 27 -18.86 -11.77 42.39
C TRP B 27 -18.44 -11.73 43.86
N LYS B 28 -17.23 -12.17 44.19
CA LYS B 28 -16.92 -12.45 45.58
C LYS B 28 -16.88 -11.19 46.44
N MET B 29 -16.25 -10.12 45.96
CA MET B 29 -16.14 -8.91 46.78
C MET B 29 -17.51 -8.37 47.16
N LEU B 30 -18.46 -8.39 46.21
CA LEU B 30 -19.82 -7.97 46.51
C LEU B 30 -20.43 -8.79 47.64
N ILE B 31 -20.32 -10.11 47.55
CA ILE B 31 -20.92 -10.98 48.55
C ILE B 31 -20.31 -10.71 49.92
N LEU B 32 -18.98 -10.60 49.97
CA LEU B 32 -18.31 -10.32 51.23
C LEU B 32 -18.73 -8.95 51.77
N TRP B 33 -18.95 -7.98 50.88
CA TRP B 33 -19.34 -6.66 51.33
C TRP B 33 -20.70 -6.69 52.02
N HIS B 34 -21.67 -7.38 51.40
CA HIS B 34 -23.01 -7.46 52.00
C HIS B 34 -22.97 -8.20 53.33
N LEU B 35 -22.23 -9.30 53.41
CA LEU B 35 -22.17 -10.06 54.65
C LEU B 35 -21.48 -9.27 55.75
N GLY B 36 -20.41 -8.54 55.42
CA GLY B 36 -19.68 -7.83 56.45
C GLY B 36 -20.32 -6.54 56.91
N LYS B 37 -21.15 -5.92 56.07
CA LYS B 37 -21.76 -4.65 56.40
C LYS B 37 -23.25 -4.73 56.72
N GLU B 38 -23.91 -5.86 56.41
CA GLU B 38 -25.32 -6.02 56.73
C GLU B 38 -25.61 -7.30 57.49
N GLY B 39 -24.60 -8.09 57.82
CA GLY B 39 -24.81 -9.29 58.59
C GLY B 39 -25.19 -10.49 57.75
N THR B 40 -25.81 -11.45 58.42
CA THR B 40 -26.14 -12.73 57.81
C THR B 40 -27.20 -12.57 56.73
N LYS B 41 -27.05 -13.35 55.65
CA LYS B 41 -27.98 -13.35 54.55
C LYS B 41 -28.25 -14.78 54.12
N ARG B 42 -29.52 -15.09 53.89
CA ARG B 42 -29.91 -16.37 53.31
C ARG B 42 -29.65 -16.35 51.81
N PHE B 43 -29.66 -17.55 51.21
CA PHE B 43 -29.28 -17.69 49.81
C PHE B 43 -30.11 -16.80 48.90
N ASN B 44 -31.44 -16.92 48.98
CA ASN B 44 -32.31 -16.12 48.13
C ASN B 44 -32.22 -14.64 48.47
N GLU B 45 -31.89 -14.31 49.72
CA GLU B 45 -31.69 -12.91 50.08
C GLU B 45 -30.47 -12.34 49.34
N LEU B 46 -29.39 -13.12 49.27
CA LEU B 46 -28.24 -12.69 48.48
C LEU B 46 -28.61 -12.59 47.00
N LYS B 47 -29.34 -13.57 46.48
CA LYS B 47 -29.76 -13.52 45.09
C LYS B 47 -30.58 -12.27 44.81
N THR B 48 -31.35 -11.79 45.80
CA THR B 48 -32.11 -10.57 45.64
C THR B 48 -31.21 -9.35 45.68
N LEU B 49 -30.18 -9.38 46.52
CA LEU B 49 -29.22 -8.27 46.58
C LEU B 49 -28.38 -8.17 45.31
N ILE B 50 -28.20 -9.27 44.60
CA ILE B 50 -27.39 -9.29 43.39
C ILE B 50 -28.26 -9.85 42.27
N PRO B 51 -29.13 -9.03 41.66
CA PRO B 51 -30.11 -9.57 40.70
C PRO B 51 -29.51 -10.19 39.46
N ASP B 52 -28.29 -9.81 39.07
CA ASP B 52 -27.70 -10.29 37.83
C ASP B 52 -27.08 -11.67 37.95
N ILE B 53 -26.76 -12.11 39.17
CA ILE B 53 -26.07 -13.38 39.33
C ILE B 53 -27.04 -14.53 39.16
N THR B 54 -26.56 -15.63 38.61
CA THR B 54 -27.33 -16.87 38.51
C THR B 54 -27.14 -17.71 39.77
N GLN B 55 -28.08 -18.62 40.00
CA GLN B 55 -28.01 -19.44 41.21
C GLN B 55 -26.79 -20.35 41.20
N LYS B 56 -26.43 -20.89 40.04
CA LYS B 56 -25.27 -21.78 39.94
C LYS B 56 -23.99 -21.05 40.32
N ILE B 57 -23.81 -19.83 39.82
CA ILE B 57 -22.59 -19.10 40.12
C ILE B 57 -22.59 -18.64 41.56
N LEU B 58 -23.75 -18.26 42.10
CA LEU B 58 -23.82 -17.81 43.48
C LEU B 58 -23.42 -18.93 44.44
N VAL B 59 -23.98 -20.13 44.24
CA VAL B 59 -23.58 -21.23 45.11
C VAL B 59 -22.12 -21.57 44.91
N ASN B 60 -21.61 -21.42 43.68
CA ASN B 60 -20.21 -21.74 43.42
C ASN B 60 -19.28 -20.82 44.22
N GLN B 61 -19.50 -19.51 44.12
CA GLN B 61 -18.64 -18.58 44.85
C GLN B 61 -18.80 -18.73 46.36
N LEU B 62 -20.00 -19.09 46.83
CA LEU B 62 -20.19 -19.30 48.25
C LEU B 62 -19.47 -20.55 48.72
N ARG B 63 -19.46 -21.61 47.89
CA ARG B 63 -18.74 -22.83 48.25
C ARG B 63 -17.24 -22.59 48.28
N GLU B 64 -16.72 -21.81 47.33
CA GLU B 64 -15.29 -21.50 47.31
C GLU B 64 -14.90 -20.65 48.52
N LEU B 65 -15.70 -19.61 48.81
CA LEU B 65 -15.43 -18.77 49.97
C LEU B 65 -15.53 -19.57 51.26
N GLU B 66 -16.48 -20.51 51.33
CA GLU B 66 -16.56 -21.41 52.48
C GLU B 66 -15.33 -22.28 52.57
N GLN B 67 -14.97 -22.93 51.46
CA GLN B 67 -13.80 -23.81 51.44
C GLN B 67 -12.51 -23.05 51.72
N ASP B 68 -12.47 -21.76 51.41
CA ASP B 68 -11.36 -20.90 51.80
C ASP B 68 -11.47 -20.43 53.24
N MET B 69 -12.51 -20.87 53.96
CA MET B 69 -12.71 -20.56 55.38
C MET B 69 -13.01 -19.08 55.61
N ILE B 70 -13.65 -18.43 54.65
CA ILE B 70 -13.96 -17.01 54.71
C ILE B 70 -15.43 -16.81 55.10
N VAL B 71 -16.27 -17.77 54.70
CA VAL B 71 -17.72 -17.66 54.84
C VAL B 71 -18.23 -18.89 55.57
N HIS B 72 -19.12 -18.66 56.53
CA HIS B 72 -19.79 -19.75 57.25
C HIS B 72 -21.15 -20.04 56.62
N ARG B 73 -21.48 -21.32 56.53
CA ARG B 73 -22.75 -21.79 55.98
C ARG B 73 -23.48 -22.58 57.04
N GLU B 74 -24.74 -22.21 57.32
CA GLU B 74 -25.55 -22.86 58.33
C GLU B 74 -26.85 -23.33 57.71
N VAL B 75 -27.10 -24.64 57.75
CA VAL B 75 -28.30 -25.23 57.16
C VAL B 75 -29.23 -25.64 58.30
N TYR B 76 -30.49 -25.22 58.19
CA TYR B 76 -31.52 -25.49 59.18
C TYR B 76 -32.52 -26.51 58.65
N PRO B 77 -32.91 -27.51 59.45
CA PRO B 77 -33.82 -28.57 58.97
C PRO B 77 -35.29 -28.15 59.02
N VAL B 78 -35.62 -27.10 58.27
CA VAL B 78 -36.97 -26.54 58.27
C VAL B 78 -37.55 -26.64 56.86
N VAL B 79 -38.87 -26.44 56.77
CA VAL B 79 -39.58 -26.35 55.51
C VAL B 79 -40.29 -25.01 55.48
N PRO B 80 -39.99 -24.11 54.52
CA PRO B 80 -39.04 -24.29 53.42
C PRO B 80 -37.60 -24.32 53.92
N PRO B 81 -36.67 -24.81 53.11
CA PRO B 81 -35.27 -24.86 53.54
C PRO B 81 -34.74 -23.47 53.87
N LYS B 82 -33.74 -23.44 54.74
CA LYS B 82 -33.19 -22.19 55.23
C LYS B 82 -31.69 -22.36 55.38
N VAL B 83 -30.92 -21.61 54.61
CA VAL B 83 -29.46 -21.67 54.67
C VAL B 83 -28.95 -20.25 54.86
N GLU B 84 -28.16 -20.05 55.90
CA GLU B 84 -27.66 -18.73 56.26
C GLU B 84 -26.17 -18.67 56.00
N TYR B 85 -25.74 -17.60 55.33
CA TYR B 85 -24.34 -17.36 55.03
C TYR B 85 -23.85 -16.16 55.84
N SER B 86 -22.61 -16.24 56.32
CA SER B 86 -22.08 -15.19 57.18
C SER B 86 -20.57 -15.22 57.11
N LEU B 87 -19.96 -14.20 57.68
CA LEU B 87 -18.50 -14.08 57.71
C LEU B 87 -17.93 -14.80 58.92
N THR B 88 -16.96 -15.66 58.68
CA THR B 88 -16.10 -16.15 59.74
C THR B 88 -15.14 -15.03 60.16
N PRO B 89 -14.47 -15.19 61.30
CA PRO B 89 -13.48 -14.17 61.71
C PRO B 89 -12.42 -13.86 60.66
N HIS B 90 -12.03 -14.84 59.84
CA HIS B 90 -11.11 -14.54 58.75
C HIS B 90 -11.77 -13.65 57.71
N GLY B 91 -13.05 -13.89 57.41
CA GLY B 91 -13.76 -12.98 56.53
C GLY B 91 -13.82 -11.57 57.07
N GLU B 92 -14.10 -11.42 58.36
CA GLU B 92 -14.16 -10.10 58.95
C GLU B 92 -12.80 -9.41 58.93
N SER B 93 -11.72 -10.18 59.05
CA SER B 93 -10.38 -9.59 58.94
C SER B 93 -10.07 -9.11 57.53
N LEU B 94 -10.86 -9.55 56.55
CA LEU B 94 -10.69 -9.09 55.17
C LEU B 94 -11.33 -7.73 54.92
N MET B 95 -12.28 -7.32 55.78
CA MET B 95 -13.03 -6.09 55.52
C MET B 95 -12.15 -4.85 55.41
N PRO B 96 -11.12 -4.65 56.25
CA PRO B 96 -10.25 -3.48 56.05
C PRO B 96 -9.70 -3.37 54.64
N ILE B 97 -9.28 -4.50 54.04
CA ILE B 97 -8.77 -4.45 52.67
C ILE B 97 -9.89 -4.04 51.71
N LEU B 98 -11.09 -4.58 51.91
CA LEU B 98 -12.21 -4.24 51.03
C LEU B 98 -12.59 -2.77 51.16
N GLU B 99 -12.59 -2.24 52.40
CA GLU B 99 -12.89 -0.83 52.58
C GLU B 99 -11.81 0.04 51.94
N ALA B 100 -10.54 -0.37 52.05
CA ALA B 100 -9.47 0.40 51.43
C ALA B 100 -9.60 0.40 49.91
N MET B 101 -10.04 -0.72 49.34
CA MET B 101 -10.25 -0.77 47.90
C MET B 101 -11.48 0.04 47.50
N TYR B 102 -12.50 0.07 48.34
CA TYR B 102 -13.69 0.88 48.06
C TYR B 102 -13.35 2.35 47.98
N GLU B 103 -12.59 2.85 48.97
CA GLU B 103 -12.24 4.26 48.98
C GLU B 103 -11.30 4.61 47.83
N TRP B 104 -10.28 3.77 47.60
CA TRP B 104 -9.40 3.98 46.44
C TRP B 104 -10.20 3.97 45.15
N GLY B 105 -11.19 3.09 45.05
CA GLY B 105 -11.96 2.99 43.82
C GLY B 105 -12.77 4.24 43.52
N LYS B 106 -13.44 4.79 44.54
CA LYS B 106 -14.24 5.98 44.32
C LYS B 106 -13.36 7.19 43.99
N GLY B 107 -12.19 7.28 44.62
CA GLY B 107 -11.26 8.34 44.27
C GLY B 107 -10.77 8.21 42.84
N TYR B 108 -10.45 6.98 42.42
CA TYR B 108 -10.07 6.76 41.03
C TYR B 108 -11.23 7.07 40.09
N MET B 109 -12.44 6.66 40.45
CA MET B 109 -13.61 6.90 39.62
C MET B 109 -13.83 8.39 39.38
N GLU B 110 -13.47 9.23 40.35
CA GLU B 110 -13.66 10.66 40.21
C GLU B 110 -12.52 11.30 39.42
N LEU B 111 -11.31 10.76 39.56
CA LEU B 111 -10.14 11.39 38.95
C LEU B 111 -10.12 11.19 37.45
N ILE B 112 -10.33 9.96 36.98
CA ILE B 112 -10.20 9.69 35.57
C ILE B 112 -11.31 10.37 34.78
N ASP B 113 -12.50 10.47 35.36
CA ASP B 113 -13.60 11.22 34.74
C ASP B 113 -13.57 12.68 35.21
N ILE B 114 -12.47 13.35 34.91
CA ILE B 114 -12.27 14.75 35.28
C ILE B 114 -12.19 15.61 34.01
N SER E 5 -12.78 16.97 -30.63
CA SER E 5 -13.35 16.10 -29.59
C SER E 5 -12.25 15.41 -28.79
N ARG E 6 -12.55 15.13 -27.52
CA ARG E 6 -11.63 14.41 -26.64
C ARG E 6 -11.72 12.90 -26.81
N MET E 7 -12.57 12.42 -27.72
CA MET E 7 -12.77 10.99 -27.93
C MET E 7 -11.86 10.41 -29.00
N ASP E 8 -11.20 11.25 -29.80
CA ASP E 8 -10.36 10.74 -30.87
C ASP E 8 -9.10 10.08 -30.33
N ASP E 9 -8.65 10.47 -29.13
CA ASP E 9 -7.61 9.72 -28.45
C ASP E 9 -8.03 8.26 -28.27
N LYS E 10 -9.27 8.04 -27.88
CA LYS E 10 -9.76 6.73 -27.47
C LYS E 10 -10.15 5.89 -28.69
N ARG E 11 -10.25 4.59 -28.45
CA ARG E 11 -10.76 3.62 -29.45
C ARG E 11 -11.76 2.74 -28.71
N PHE E 12 -12.98 2.62 -29.21
CA PHE E 12 -14.04 1.85 -28.57
C PHE E 12 -14.40 0.64 -29.42
N ASN E 13 -14.66 -0.49 -28.76
CA ASN E 13 -15.20 -1.66 -29.43
C ASN E 13 -16.71 -1.62 -29.54
N CYS E 14 -17.35 -0.57 -29.05
CA CYS E 14 -18.80 -0.43 -29.08
C CYS E 14 -19.16 1.04 -28.95
N GLU E 15 -20.24 1.43 -29.63
CA GLU E 15 -20.77 2.77 -29.49
C GLU E 15 -21.37 3.00 -28.10
N LYS E 16 -21.75 1.93 -27.41
CA LYS E 16 -22.20 2.06 -26.03
C LYS E 16 -21.10 2.59 -25.13
N GLU E 17 -19.85 2.15 -25.36
CA GLU E 17 -18.73 2.63 -24.58
C GLU E 17 -18.55 4.13 -24.74
N LEU E 18 -18.94 4.70 -25.88
CA LEU E 18 -18.81 6.14 -26.06
C LEU E 18 -19.91 6.89 -25.31
N THR E 19 -21.13 6.36 -25.30
CA THR E 19 -22.15 6.88 -24.39
C THR E 19 -21.64 6.87 -22.95
N LEU E 20 -20.98 5.78 -22.56
CA LEU E 20 -20.42 5.70 -21.22
C LEU E 20 -19.31 6.72 -21.02
N ALA E 21 -18.53 6.98 -22.06
CA ALA E 21 -17.48 8.00 -21.97
C ALA E 21 -18.08 9.39 -21.72
N VAL E 22 -19.30 9.62 -22.19
CA VAL E 22 -19.90 10.93 -22.02
C VAL E 22 -20.44 11.10 -20.60
N ILE E 23 -21.07 10.06 -20.06
CA ILE E 23 -21.82 10.17 -18.81
C ILE E 23 -21.19 9.40 -17.67
N GLY E 24 -20.05 8.74 -17.90
CA GLY E 24 -19.48 7.86 -16.90
C GLY E 24 -18.69 8.53 -15.80
N GLY E 25 -18.16 9.73 -16.05
CA GLY E 25 -17.40 10.49 -15.06
C GLY E 25 -18.11 10.59 -13.72
N LYS E 26 -17.35 10.84 -12.66
CA LYS E 26 -17.82 10.53 -11.31
C LYS E 26 -19.12 11.26 -10.97
N TRP E 27 -19.21 12.55 -11.28
CA TRP E 27 -20.39 13.32 -10.89
C TRP E 27 -21.28 13.71 -12.05
N LYS E 28 -20.98 13.25 -13.26
CA LYS E 28 -21.62 13.82 -14.45
C LYS E 28 -23.12 13.52 -14.47
N MET E 29 -23.51 12.31 -14.10
CA MET E 29 -24.93 11.97 -14.11
C MET E 29 -25.73 12.84 -13.15
N LEU E 30 -25.12 13.22 -12.02
CA LEU E 30 -25.81 14.07 -11.05
C LEU E 30 -25.97 15.49 -11.57
N ILE E 31 -24.93 16.02 -12.21
CA ILE E 31 -25.02 17.34 -12.82
C ILE E 31 -26.11 17.36 -13.89
N LEU E 32 -26.08 16.37 -14.79
CA LEU E 32 -27.09 16.31 -15.84
C LEU E 32 -28.49 16.15 -15.25
N TRP E 33 -28.61 15.40 -14.15
CA TRP E 33 -29.92 15.21 -13.54
C TRP E 33 -30.48 16.53 -13.02
N HIS E 34 -29.67 17.29 -12.30
CA HIS E 34 -30.12 18.57 -11.77
C HIS E 34 -30.44 19.54 -12.91
N LEU E 35 -29.54 19.64 -13.89
CA LEU E 35 -29.77 20.57 -15.00
C LEU E 35 -31.02 20.21 -15.81
N GLY E 36 -31.34 18.92 -15.90
CA GLY E 36 -32.40 18.47 -16.79
C GLY E 36 -33.77 18.46 -16.15
N LYS E 37 -33.82 18.38 -14.83
CA LYS E 37 -35.08 18.34 -14.09
C LYS E 37 -35.27 19.53 -13.16
N GLU E 38 -34.31 20.45 -13.11
CA GLU E 38 -34.51 21.69 -12.36
C GLU E 38 -34.07 22.93 -13.12
N GLY E 39 -33.73 22.80 -14.40
CA GLY E 39 -33.44 23.96 -15.21
C GLY E 39 -32.01 24.43 -15.11
N THR E 40 -31.79 25.62 -15.66
CA THR E 40 -30.46 26.23 -15.65
C THR E 40 -30.05 26.59 -14.22
N LYS E 41 -28.75 26.46 -13.95
CA LYS E 41 -28.17 26.79 -12.66
C LYS E 41 -26.82 27.44 -12.90
N ARG E 42 -26.47 28.42 -12.06
CA ARG E 42 -25.12 28.93 -12.13
C ARG E 42 -24.18 28.07 -11.30
N PHE E 43 -22.89 28.38 -11.38
CA PHE E 43 -21.86 27.53 -10.78
C PHE E 43 -22.12 27.29 -9.30
N ASN E 44 -22.23 28.37 -8.52
CA ASN E 44 -22.42 28.23 -7.07
C ASN E 44 -23.71 27.49 -6.74
N GLU E 45 -24.73 27.62 -7.59
CA GLU E 45 -25.96 26.87 -7.35
C GLU E 45 -25.73 25.37 -7.54
N LEU E 46 -24.88 25.00 -8.49
CA LEU E 46 -24.48 23.59 -8.63
C LEU E 46 -23.69 23.14 -7.42
N LYS E 47 -22.72 23.94 -6.98
CA LYS E 47 -21.96 23.64 -5.78
C LYS E 47 -22.87 23.41 -4.59
N THR E 48 -23.97 24.16 -4.51
CA THR E 48 -24.89 24.01 -3.40
C THR E 48 -25.70 22.72 -3.52
N LEU E 49 -26.14 22.39 -4.73
CA LEU E 49 -26.91 21.16 -4.95
C LEU E 49 -26.05 19.91 -4.78
N ILE E 50 -24.74 20.02 -4.97
CA ILE E 50 -23.81 18.92 -4.78
C ILE E 50 -22.75 19.38 -3.78
N PRO E 51 -23.01 19.27 -2.47
CA PRO E 51 -22.11 19.91 -1.49
C PRO E 51 -20.74 19.26 -1.41
N ASP E 52 -20.62 17.98 -1.75
CA ASP E 52 -19.37 17.25 -1.52
C ASP E 52 -18.33 17.48 -2.62
N ILE E 53 -18.73 17.97 -3.78
CA ILE E 53 -17.82 18.07 -4.92
C ILE E 53 -16.88 19.25 -4.71
N THR E 54 -15.63 19.09 -5.16
CA THR E 54 -14.65 20.16 -5.06
C THR E 54 -14.72 21.06 -6.28
N GLN E 55 -14.28 22.30 -6.11
CA GLN E 55 -14.32 23.28 -7.19
C GLN E 55 -13.66 22.74 -8.45
N LYS E 56 -12.45 22.20 -8.31
CA LYS E 56 -11.68 21.78 -9.48
C LYS E 56 -12.36 20.65 -10.23
N ILE E 57 -12.91 19.68 -9.50
CA ILE E 57 -13.55 18.55 -10.16
C ILE E 57 -14.83 18.99 -10.83
N LEU E 58 -15.61 19.86 -10.17
CA LEU E 58 -16.84 20.36 -10.77
C LEU E 58 -16.56 21.10 -12.08
N VAL E 59 -15.54 21.96 -12.08
CA VAL E 59 -15.19 22.67 -13.30
C VAL E 59 -14.79 21.69 -14.38
N ASN E 60 -14.00 20.67 -14.03
CA ASN E 60 -13.51 19.71 -15.02
C ASN E 60 -14.66 18.92 -15.63
N GLN E 61 -15.58 18.44 -14.80
CA GLN E 61 -16.70 17.66 -15.32
C GLN E 61 -17.59 18.51 -16.21
N LEU E 62 -17.78 19.78 -15.85
CA LEU E 62 -18.56 20.67 -16.70
C LEU E 62 -17.85 20.95 -18.02
N ARG E 63 -16.53 21.16 -17.97
CA ARG E 63 -15.79 21.39 -19.21
C ARG E 63 -15.80 20.17 -20.10
N GLU E 64 -15.83 18.97 -19.52
CA GLU E 64 -15.90 17.77 -20.34
C GLU E 64 -17.29 17.62 -20.94
N LEU E 65 -18.33 17.87 -20.15
CA LEU E 65 -19.69 17.84 -20.66
C LEU E 65 -19.93 18.93 -21.70
N GLU E 66 -19.32 20.11 -21.52
CA GLU E 66 -19.45 21.16 -22.52
C GLU E 66 -18.75 20.76 -23.82
N GLN E 67 -17.52 20.25 -23.71
CA GLN E 67 -16.80 19.83 -24.90
C GLN E 67 -17.45 18.63 -25.57
N ASP E 68 -18.22 17.84 -24.82
CA ASP E 68 -19.01 16.77 -25.40
C ASP E 68 -20.31 17.28 -25.99
N MET E 69 -20.56 18.60 -25.96
CA MET E 69 -21.77 19.22 -26.50
C MET E 69 -23.03 18.74 -25.79
N ILE E 70 -22.91 18.47 -24.49
CA ILE E 70 -24.02 17.98 -23.67
C ILE E 70 -24.54 19.14 -22.82
N VAL E 71 -23.64 20.06 -22.48
CA VAL E 71 -23.94 21.17 -21.58
C VAL E 71 -23.52 22.46 -22.27
N HIS E 72 -24.39 23.46 -22.22
CA HIS E 72 -24.08 24.79 -22.73
C HIS E 72 -23.67 25.71 -21.58
N ARG E 73 -22.62 26.48 -21.79
CA ARG E 73 -22.06 27.37 -20.77
C ARG E 73 -22.20 28.81 -21.23
N GLU E 74 -22.88 29.63 -20.43
CA GLU E 74 -23.12 31.03 -20.73
C GLU E 74 -22.51 31.88 -19.63
N VAL E 75 -21.53 32.69 -19.99
CA VAL E 75 -20.86 33.57 -19.03
C VAL E 75 -21.15 35.03 -19.40
N TYR E 76 -21.78 35.77 -18.49
CA TYR E 76 -22.13 37.17 -18.64
C TYR E 76 -21.06 38.06 -18.01
N PRO E 77 -20.67 39.16 -18.70
CA PRO E 77 -19.56 40.01 -18.24
C PRO E 77 -19.95 41.04 -17.18
N VAL E 78 -20.67 40.59 -16.17
CA VAL E 78 -21.13 41.47 -15.09
C VAL E 78 -20.27 41.25 -13.85
N VAL E 79 -20.43 42.12 -12.87
CA VAL E 79 -19.69 42.05 -11.61
C VAL E 79 -20.69 42.05 -10.46
N PRO E 80 -20.74 41.00 -9.62
CA PRO E 80 -19.88 39.81 -9.67
C PRO E 80 -20.17 38.91 -10.86
N PRO E 81 -19.18 38.12 -11.29
CA PRO E 81 -19.37 37.25 -12.47
C PRO E 81 -20.61 36.38 -12.41
N LYS E 82 -21.04 35.91 -13.57
CA LYS E 82 -22.26 35.12 -13.69
C LYS E 82 -22.06 34.14 -14.83
N VAL E 83 -22.08 32.84 -14.53
CA VAL E 83 -21.95 31.79 -15.52
C VAL E 83 -23.09 30.80 -15.33
N GLU E 84 -23.86 30.55 -16.39
CA GLU E 84 -25.02 29.67 -16.34
C GLU E 84 -24.75 28.39 -17.13
N TYR E 85 -25.19 27.27 -16.58
CA TYR E 85 -25.02 25.96 -17.21
C TYR E 85 -26.39 25.35 -17.46
N SER E 86 -26.59 24.86 -18.68
CA SER E 86 -27.88 24.29 -19.08
C SER E 86 -27.64 23.16 -20.06
N LEU E 87 -28.68 22.36 -20.28
CA LEU E 87 -28.62 21.20 -21.16
C LEU E 87 -28.86 21.62 -22.61
N THR E 88 -27.94 21.22 -23.50
CA THR E 88 -28.16 21.31 -24.93
C THR E 88 -29.21 20.27 -25.32
N PRO E 89 -29.71 20.32 -26.58
CA PRO E 89 -30.65 19.27 -27.02
C PRO E 89 -30.14 17.85 -26.85
N HIS E 90 -28.84 17.64 -27.06
CA HIS E 90 -28.28 16.30 -26.85
C HIS E 90 -28.33 15.92 -25.38
N GLY E 91 -28.04 16.87 -24.48
CA GLY E 91 -28.18 16.59 -23.07
C GLY E 91 -29.58 16.14 -22.71
N GLU E 92 -30.59 16.81 -23.27
CA GLU E 92 -31.97 16.42 -23.00
C GLU E 92 -32.30 15.05 -23.60
N SER E 93 -31.67 14.70 -24.71
CA SER E 93 -31.86 13.37 -25.29
C SER E 93 -31.27 12.27 -24.42
N LEU E 94 -30.36 12.61 -23.50
CA LEU E 94 -29.78 11.64 -22.59
C LEU E 94 -30.67 11.37 -21.40
N MET E 95 -31.67 12.22 -21.15
CA MET E 95 -32.52 12.05 -19.98
C MET E 95 -33.30 10.74 -19.98
N PRO E 96 -33.77 10.20 -21.11
CA PRO E 96 -34.43 8.89 -21.04
C PRO E 96 -33.53 7.79 -20.51
N ILE E 97 -32.28 7.72 -20.98
CA ILE E 97 -31.35 6.72 -20.47
C ILE E 97 -31.11 6.92 -18.98
N LEU E 98 -30.92 8.18 -18.55
CA LEU E 98 -30.66 8.45 -17.14
C LEU E 98 -31.80 7.95 -16.27
N GLU E 99 -33.04 8.24 -16.65
CA GLU E 99 -34.17 7.80 -15.84
C GLU E 99 -34.33 6.28 -15.90
N ALA E 100 -33.94 5.66 -17.02
CA ALA E 100 -33.97 4.21 -17.10
C ALA E 100 -32.96 3.59 -16.14
N MET E 101 -31.77 4.20 -16.02
CA MET E 101 -30.79 3.74 -15.04
C MET E 101 -31.26 4.01 -13.63
N TYR E 102 -31.91 5.16 -13.41
CA TYR E 102 -32.46 5.48 -12.10
C TYR E 102 -33.44 4.41 -11.64
N GLU E 103 -34.33 4.00 -12.55
CA GLU E 103 -35.35 3.01 -12.18
C GLU E 103 -34.73 1.63 -12.02
N TRP E 104 -33.80 1.25 -12.90
CA TRP E 104 -33.13 -0.03 -12.74
C TRP E 104 -32.35 -0.09 -11.44
N GLY E 105 -31.73 1.02 -11.05
CA GLY E 105 -30.98 1.03 -9.80
C GLY E 105 -31.88 0.91 -8.58
N LYS E 106 -33.09 1.45 -8.66
CA LYS E 106 -34.02 1.33 -7.54
C LYS E 106 -34.48 -0.10 -7.36
N GLY E 107 -34.83 -0.78 -8.47
CA GLY E 107 -35.17 -2.18 -8.37
C GLY E 107 -34.01 -3.04 -7.91
N TYR E 108 -32.81 -2.76 -8.43
CA TYR E 108 -31.64 -3.50 -7.99
C TYR E 108 -31.43 -3.39 -6.49
N MET E 109 -31.56 -2.18 -5.95
CA MET E 109 -31.26 -1.97 -4.53
C MET E 109 -32.28 -2.65 -3.64
N GLU E 110 -33.55 -2.67 -4.07
CA GLU E 110 -34.56 -3.38 -3.30
C GLU E 110 -34.30 -4.88 -3.27
N LEU E 111 -33.66 -5.39 -4.32
CA LEU E 111 -33.45 -6.84 -4.41
C LEU E 111 -32.32 -7.30 -3.50
N ILE E 112 -31.24 -6.52 -3.37
CA ILE E 112 -30.05 -7.05 -2.71
C ILE E 112 -30.21 -7.07 -1.19
N ASP E 113 -30.99 -6.14 -0.63
CA ASP E 113 -31.12 -6.04 0.83
C ASP E 113 -32.55 -5.67 1.23
N ILE E 114 -33.33 -6.68 1.65
CA ILE E 114 -34.52 -6.49 2.49
C ILE E 114 -34.61 -7.68 3.44
N SER F 5 -23.15 -6.56 -0.91
CA SER F 5 -22.35 -7.12 -1.98
C SER F 5 -21.00 -6.39 -2.07
N ARG F 6 -20.58 -6.07 -3.30
CA ARG F 6 -19.40 -5.24 -3.48
C ARG F 6 -19.65 -3.81 -3.01
N MET F 7 -20.88 -3.33 -3.18
CA MET F 7 -21.26 -1.96 -2.90
C MET F 7 -21.78 -1.76 -1.48
N ASP F 8 -21.57 -2.74 -0.59
CA ASP F 8 -21.73 -2.47 0.84
C ASP F 8 -20.88 -1.27 1.26
N ASP F 9 -19.68 -1.13 0.70
CA ASP F 9 -18.79 -0.07 1.15
C ASP F 9 -19.20 1.31 0.62
N LYS F 10 -19.85 1.37 -0.53
CA LYS F 10 -19.88 2.59 -1.32
C LYS F 10 -21.11 3.44 -1.04
N ARG F 11 -20.92 4.75 -1.12
CA ARG F 11 -21.96 5.74 -0.88
C ARG F 11 -22.33 6.40 -2.19
N PHE F 12 -23.62 6.42 -2.50
CA PHE F 12 -24.13 6.97 -3.76
C PHE F 12 -25.05 8.14 -3.48
N ASN F 13 -24.96 9.17 -4.31
CA ASN F 13 -25.86 10.31 -4.22
C ASN F 13 -27.21 10.05 -4.89
N CYS F 14 -27.25 9.14 -5.85
CA CYS F 14 -28.52 8.66 -6.39
C CYS F 14 -28.30 7.26 -6.95
N GLU F 15 -29.41 6.61 -7.30
CA GLU F 15 -29.39 5.20 -7.64
C GLU F 15 -28.99 4.93 -9.08
N LYS F 16 -28.86 5.96 -9.92
CA LYS F 16 -28.25 5.76 -11.23
C LYS F 16 -26.78 5.40 -11.08
N GLU F 17 -26.12 5.94 -10.06
CA GLU F 17 -24.73 5.60 -9.80
C GLU F 17 -24.56 4.14 -9.42
N LEU F 18 -25.62 3.47 -8.96
CA LEU F 18 -25.55 2.04 -8.67
C LEU F 18 -25.56 1.22 -9.96
N THR F 19 -26.48 1.53 -10.87
CA THR F 19 -26.44 0.93 -12.19
C THR F 19 -25.08 1.13 -12.84
N LEU F 20 -24.52 2.35 -12.72
CA LEU F 20 -23.22 2.64 -13.29
C LEU F 20 -22.12 1.78 -12.69
N ALA F 21 -22.19 1.54 -11.38
CA ALA F 21 -21.21 0.68 -10.73
C ALA F 21 -21.27 -0.75 -11.25
N VAL F 22 -22.45 -1.19 -11.67
CA VAL F 22 -22.60 -2.57 -12.14
C VAL F 22 -22.06 -2.72 -13.57
N ILE F 23 -22.22 -1.71 -14.42
CA ILE F 23 -21.85 -1.82 -15.82
C ILE F 23 -20.66 -0.95 -16.22
N GLY F 24 -20.16 -0.10 -15.33
CA GLY F 24 -19.16 0.89 -15.72
C GLY F 24 -17.75 0.35 -15.88
N GLY F 25 -17.47 -0.82 -15.32
CA GLY F 25 -16.13 -1.39 -15.43
C GLY F 25 -15.73 -1.60 -16.88
N LYS F 26 -14.41 -1.59 -17.12
CA LYS F 26 -13.88 -1.25 -18.44
C LYS F 26 -14.46 -2.13 -19.55
N TRP F 27 -14.55 -3.44 -19.34
CA TRP F 27 -14.99 -4.30 -20.42
C TRP F 27 -16.38 -4.89 -20.20
N LYS F 28 -17.07 -4.49 -19.14
CA LYS F 28 -18.28 -5.20 -18.73
C LYS F 28 -19.41 -5.08 -19.75
N MET F 29 -19.62 -3.90 -20.32
CA MET F 29 -20.70 -3.74 -21.28
C MET F 29 -20.50 -4.62 -22.50
N LEU F 30 -19.27 -4.66 -23.02
CA LEU F 30 -18.97 -5.55 -24.14
C LEU F 30 -19.26 -7.00 -23.78
N ILE F 31 -18.86 -7.43 -22.59
CA ILE F 31 -19.13 -8.79 -22.15
C ILE F 31 -20.62 -9.07 -22.13
N LEU F 32 -21.38 -8.23 -21.42
CA LEU F 32 -22.82 -8.43 -21.30
C LEU F 32 -23.50 -8.43 -22.67
N TRP F 33 -23.05 -7.57 -23.57
CA TRP F 33 -23.61 -7.55 -24.92
C TRP F 33 -23.43 -8.91 -25.60
N HIS F 34 -22.22 -9.46 -25.56
CA HIS F 34 -21.98 -10.74 -26.23
C HIS F 34 -22.77 -11.86 -25.57
N LEU F 35 -22.89 -11.84 -24.24
CA LEU F 35 -23.63 -12.89 -23.56
C LEU F 35 -25.12 -12.77 -23.82
N GLY F 36 -25.63 -11.53 -23.89
CA GLY F 36 -27.06 -11.31 -24.07
C GLY F 36 -27.55 -11.48 -25.48
N LYS F 37 -26.68 -11.31 -26.47
CA LYS F 37 -27.08 -11.38 -27.87
C LYS F 37 -26.52 -12.60 -28.61
N GLU F 38 -25.58 -13.31 -28.00
CA GLU F 38 -25.06 -14.53 -28.61
C GLU F 38 -25.18 -15.74 -27.69
N GLY F 39 -25.80 -15.59 -26.53
CA GLY F 39 -25.99 -16.72 -25.64
C GLY F 39 -24.75 -17.04 -24.82
N THR F 40 -24.67 -18.30 -24.41
CA THR F 40 -23.65 -18.73 -23.46
C THR F 40 -22.29 -18.84 -24.14
N LYS F 41 -21.25 -18.39 -23.44
CA LYS F 41 -19.89 -18.37 -23.96
C LYS F 41 -18.93 -18.96 -22.94
N ARG F 42 -17.97 -19.74 -23.43
CA ARG F 42 -16.90 -20.21 -22.57
C ARG F 42 -15.80 -19.16 -22.48
N PHE F 43 -14.98 -19.28 -21.43
CA PHE F 43 -13.96 -18.26 -21.13
C PHE F 43 -13.14 -17.91 -22.36
N ASN F 44 -12.47 -18.90 -22.96
CA ASN F 44 -11.66 -18.65 -24.15
C ASN F 44 -12.50 -18.13 -25.31
N GLU F 45 -13.77 -18.53 -25.40
CA GLU F 45 -14.65 -17.98 -26.41
C GLU F 45 -14.83 -16.47 -26.22
N LEU F 46 -14.97 -16.03 -24.97
CA LEU F 46 -15.07 -14.60 -24.70
C LEU F 46 -13.75 -13.90 -25.03
N LYS F 47 -12.63 -14.49 -24.65
CA LYS F 47 -11.35 -13.87 -24.95
C LYS F 47 -11.12 -13.79 -26.46
N THR F 48 -11.68 -14.73 -27.22
CA THR F 48 -11.57 -14.64 -28.67
C THR F 48 -12.43 -13.50 -29.21
N LEU F 49 -13.64 -13.35 -28.69
CA LEU F 49 -14.49 -12.22 -29.07
C LEU F 49 -13.91 -10.88 -28.63
N ILE F 50 -13.09 -10.86 -27.59
CA ILE F 50 -12.45 -9.64 -27.11
C ILE F 50 -10.93 -9.84 -27.13
N PRO F 51 -10.30 -9.72 -28.30
CA PRO F 51 -8.87 -10.05 -28.39
C PRO F 51 -7.95 -9.18 -27.54
N ASP F 52 -8.37 -7.95 -27.23
CA ASP F 52 -7.47 -7.04 -26.51
C ASP F 52 -7.40 -7.31 -25.03
N ILE F 53 -8.37 -8.03 -24.47
CA ILE F 53 -8.50 -8.13 -23.03
C ILE F 53 -7.53 -9.17 -22.48
N THR F 54 -6.99 -8.89 -21.31
CA THR F 54 -6.14 -9.82 -20.57
C THR F 54 -6.98 -10.85 -19.82
N GLN F 55 -6.45 -12.07 -19.71
CA GLN F 55 -7.17 -13.10 -18.96
C GLN F 55 -7.42 -12.67 -17.51
N LYS F 56 -6.43 -12.06 -16.86
CA LYS F 56 -6.63 -11.60 -15.48
C LYS F 56 -7.80 -10.62 -15.38
N ILE F 57 -7.86 -9.65 -16.29
CA ILE F 57 -8.90 -8.63 -16.24
C ILE F 57 -10.24 -9.23 -16.63
N LEU F 58 -10.24 -10.12 -17.63
CA LEU F 58 -11.49 -10.76 -18.05
C LEU F 58 -12.16 -11.47 -16.90
N VAL F 59 -11.40 -12.25 -16.12
CA VAL F 59 -12.00 -13.00 -15.03
C VAL F 59 -12.39 -12.05 -13.89
N ASN F 60 -11.61 -10.98 -13.65
CA ASN F 60 -11.99 -10.04 -12.61
C ASN F 60 -13.34 -9.41 -12.90
N GLN F 61 -13.54 -8.95 -14.15
CA GLN F 61 -14.82 -8.36 -14.52
C GLN F 61 -15.94 -9.39 -14.45
N LEU F 62 -15.65 -10.61 -14.89
CA LEU F 62 -16.64 -11.69 -14.79
C LEU F 62 -16.98 -12.01 -13.34
N ARG F 63 -15.97 -12.02 -12.46
CA ARG F 63 -16.26 -12.31 -11.06
C ARG F 63 -17.08 -11.20 -10.42
N GLU F 64 -16.78 -9.94 -10.75
CA GLU F 64 -17.57 -8.83 -10.24
C GLU F 64 -19.00 -8.92 -10.74
N LEU F 65 -19.17 -9.12 -12.05
CA LEU F 65 -20.51 -9.28 -12.62
C LEU F 65 -21.25 -10.47 -12.04
N GLU F 66 -20.52 -11.53 -11.66
CA GLU F 66 -21.16 -12.66 -11.00
C GLU F 66 -21.55 -12.32 -9.57
N GLN F 67 -20.66 -11.66 -8.83
CA GLN F 67 -20.99 -11.23 -7.49
C GLN F 67 -22.13 -10.21 -7.49
N ASP F 68 -22.30 -9.49 -8.59
CA ASP F 68 -23.43 -8.56 -8.72
C ASP F 68 -24.69 -9.25 -9.23
N MET F 69 -24.65 -10.57 -9.38
CA MET F 69 -25.80 -11.39 -9.76
C MET F 69 -26.26 -11.12 -11.19
N ILE F 70 -25.36 -10.62 -12.04
CA ILE F 70 -25.69 -10.26 -13.41
C ILE F 70 -25.35 -11.41 -14.35
N VAL F 71 -24.34 -12.20 -13.99
CA VAL F 71 -23.79 -13.23 -14.86
C VAL F 71 -23.73 -14.54 -14.10
N HIS F 72 -24.12 -15.63 -14.77
CA HIS F 72 -24.05 -16.97 -14.20
C HIS F 72 -22.80 -17.69 -14.70
N ARG F 73 -22.13 -18.37 -13.79
CA ARG F 73 -20.95 -19.16 -14.09
C ARG F 73 -21.23 -20.62 -13.79
N GLU F 74 -21.07 -21.49 -14.77
CA GLU F 74 -21.25 -22.93 -14.59
C GLU F 74 -19.94 -23.63 -14.94
N VAL F 75 -19.44 -24.42 -14.01
CA VAL F 75 -18.18 -25.13 -14.16
C VAL F 75 -18.47 -26.63 -14.29
N TYR F 76 -17.88 -27.27 -15.31
CA TYR F 76 -18.08 -28.68 -15.58
C TYR F 76 -16.84 -29.50 -15.22
N PRO F 77 -17.00 -30.67 -14.60
CA PRO F 77 -15.84 -31.49 -14.19
C PRO F 77 -15.31 -32.34 -15.32
N VAL F 78 -14.77 -31.69 -16.35
CA VAL F 78 -14.31 -32.37 -17.55
C VAL F 78 -12.88 -31.96 -17.85
N VAL F 79 -12.23 -32.74 -18.70
CA VAL F 79 -10.89 -32.46 -19.21
C VAL F 79 -11.00 -32.31 -20.72
N PRO F 80 -10.65 -31.17 -21.31
CA PRO F 80 -10.16 -29.95 -20.66
C PRO F 80 -11.25 -29.28 -19.83
N PRO F 81 -10.86 -28.40 -18.90
CA PRO F 81 -11.86 -27.68 -18.11
C PRO F 81 -12.86 -26.95 -19.01
N LYS F 82 -14.07 -26.77 -18.48
CA LYS F 82 -15.15 -26.13 -19.21
C LYS F 82 -15.88 -25.22 -18.26
N VAL F 83 -15.88 -23.92 -18.55
CA VAL F 83 -16.57 -22.92 -17.74
C VAL F 83 -17.40 -22.05 -18.69
N GLU F 84 -18.70 -22.06 -18.49
CA GLU F 84 -19.64 -21.34 -19.35
C GLU F 84 -20.21 -20.15 -18.60
N TYR F 85 -20.35 -19.04 -19.30
CA TYR F 85 -20.86 -17.79 -18.74
C TYR F 85 -22.12 -17.38 -19.48
N SER F 86 -23.09 -16.85 -18.73
CA SER F 86 -24.38 -16.50 -19.31
C SER F 86 -25.04 -15.45 -18.43
N LEU F 87 -26.06 -14.81 -18.98
CA LEU F 87 -26.80 -13.78 -18.25
C LEU F 87 -27.81 -14.40 -17.30
N THR F 88 -27.85 -13.88 -16.07
CA THR F 88 -28.94 -14.13 -15.16
C THR F 88 -30.16 -13.34 -15.62
N PRO F 89 -31.35 -13.61 -15.05
CA PRO F 89 -32.51 -12.75 -15.34
C PRO F 89 -32.26 -11.28 -15.07
N HIS F 90 -31.49 -10.95 -14.03
CA HIS F 90 -31.12 -9.55 -13.82
C HIS F 90 -30.20 -9.05 -14.92
N GLY F 91 -29.29 -9.90 -15.39
CA GLY F 91 -28.49 -9.51 -16.53
C GLY F 91 -29.34 -9.22 -17.74
N GLU F 92 -30.34 -10.07 -17.99
CA GLU F 92 -31.29 -9.84 -19.08
C GLU F 92 -32.06 -8.54 -18.87
N SER F 93 -32.40 -8.22 -17.62
CA SER F 93 -33.09 -6.96 -17.36
C SER F 93 -32.24 -5.76 -17.78
N LEU F 94 -30.91 -5.89 -17.82
CA LEU F 94 -30.06 -4.76 -18.19
C LEU F 94 -30.00 -4.51 -19.68
N MET F 95 -30.42 -5.49 -20.49
CA MET F 95 -30.26 -5.37 -21.94
C MET F 95 -30.96 -4.16 -22.55
N PRO F 96 -32.17 -3.77 -22.15
CA PRO F 96 -32.76 -2.55 -22.72
C PRO F 96 -31.88 -1.32 -22.55
N ILE F 97 -31.30 -1.13 -21.37
CA ILE F 97 -30.42 0.02 -21.15
C ILE F 97 -29.21 -0.05 -22.08
N LEU F 98 -28.61 -1.23 -22.20
CA LEU F 98 -27.46 -1.36 -23.10
C LEU F 98 -27.84 -1.04 -24.53
N GLU F 99 -29.04 -1.44 -24.96
CA GLU F 99 -29.47 -1.14 -26.32
C GLU F 99 -29.73 0.35 -26.49
N ALA F 100 -30.33 0.99 -25.49
CA ALA F 100 -30.52 2.43 -25.54
C ALA F 100 -29.19 3.16 -25.67
N MET F 101 -28.19 2.74 -24.89
CA MET F 101 -26.87 3.36 -24.98
C MET F 101 -26.22 3.08 -26.33
N TYR F 102 -26.51 1.94 -26.93
CA TYR F 102 -25.98 1.65 -28.26
C TYR F 102 -26.53 2.61 -29.30
N GLU F 103 -27.85 2.80 -29.33
CA GLU F 103 -28.44 3.66 -30.34
C GLU F 103 -28.08 5.12 -30.11
N TRP F 104 -28.11 5.57 -28.85
CA TRP F 104 -27.65 6.92 -28.55
C TRP F 104 -26.21 7.12 -29.01
N GLY F 105 -25.37 6.10 -28.82
CA GLY F 105 -23.98 6.24 -29.20
C GLY F 105 -23.78 6.35 -30.70
N LYS F 106 -24.50 5.52 -31.47
CA LYS F 106 -24.36 5.58 -32.92
C LYS F 106 -24.89 6.91 -33.46
N GLY F 107 -25.96 7.44 -32.85
CA GLY F 107 -26.46 8.74 -33.26
C GLY F 107 -25.51 9.86 -32.91
N TYR F 108 -24.96 9.83 -31.69
CA TYR F 108 -23.92 10.78 -31.31
C TYR F 108 -22.77 10.72 -32.31
N MET F 109 -22.39 9.52 -32.73
CA MET F 109 -21.29 9.36 -33.65
C MET F 109 -21.61 9.94 -35.04
N GLU F 110 -22.89 9.94 -35.43
CA GLU F 110 -23.26 10.69 -36.62
C GLU F 110 -22.86 12.15 -36.48
N LEU F 111 -23.04 12.70 -35.28
CA LEU F 111 -22.78 14.12 -35.07
C LEU F 111 -21.30 14.44 -34.91
N ILE F 112 -20.50 13.49 -34.41
CA ILE F 112 -19.11 13.80 -34.07
C ILE F 112 -18.31 14.16 -35.31
N ASP F 113 -18.51 13.41 -36.40
CA ASP F 113 -17.66 13.50 -37.58
C ASP F 113 -18.50 13.81 -38.81
N ILE F 114 -18.34 15.02 -39.33
CA ILE F 114 -19.16 15.53 -40.43
C ILE F 114 -18.34 15.59 -41.72
N SER I 5 20.83 -12.38 -17.74
CA SER I 5 21.45 -11.05 -17.75
C SER I 5 20.44 -9.99 -18.15
N ARG I 6 20.87 -8.72 -18.17
CA ARG I 6 20.08 -7.69 -18.81
C ARG I 6 20.10 -7.83 -20.34
N MET I 7 21.09 -8.56 -20.88
CA MET I 7 21.40 -8.46 -22.31
C MET I 7 20.63 -9.44 -23.18
N ASP I 8 20.01 -10.47 -22.61
CA ASP I 8 19.36 -11.52 -23.41
C ASP I 8 18.10 -11.01 -24.09
N ASP I 9 17.45 -10.01 -23.50
CA ASP I 9 16.40 -9.36 -24.25
C ASP I 9 16.97 -8.52 -25.40
N LYS I 10 18.09 -7.81 -25.19
CA LYS I 10 18.68 -7.07 -26.29
C LYS I 10 19.17 -8.02 -27.38
N ARG I 11 19.18 -7.50 -28.61
CA ARG I 11 19.69 -8.15 -29.84
C ARG I 11 20.61 -7.13 -30.51
N PHE I 12 21.76 -7.57 -31.04
CA PHE I 12 22.72 -6.63 -31.59
C PHE I 12 23.14 -7.06 -32.98
N ASN I 13 23.23 -6.11 -33.89
CA ASN I 13 23.78 -6.40 -35.20
C ASN I 13 25.29 -6.45 -35.19
N CYS I 14 25.92 -6.04 -34.10
CA CYS I 14 27.36 -6.11 -33.95
C CYS I 14 27.72 -6.36 -32.50
N GLU I 15 28.87 -6.97 -32.30
CA GLU I 15 29.35 -7.27 -30.96
C GLU I 15 30.06 -6.10 -30.33
N LYS I 16 30.30 -5.03 -31.09
CA LYS I 16 30.71 -3.76 -30.50
C LYS I 16 29.55 -3.09 -29.79
N GLU I 17 28.31 -3.35 -30.23
CA GLU I 17 27.14 -2.83 -29.54
C GLU I 17 27.01 -3.41 -28.15
N LEU I 18 27.53 -4.62 -27.93
CA LEU I 18 27.54 -5.20 -26.59
C LEU I 18 28.41 -4.38 -25.65
N THR I 19 29.65 -4.11 -26.06
CA THR I 19 30.51 -3.24 -25.26
C THR I 19 29.86 -1.90 -25.01
N LEU I 20 29.17 -1.36 -26.03
CA LEU I 20 28.46 -0.10 -25.84
C LEU I 20 27.36 -0.23 -24.79
N ALA I 21 26.66 -1.37 -24.78
CA ALA I 21 25.62 -1.56 -23.78
C ALA I 21 26.19 -1.66 -22.37
N VAL I 22 27.42 -2.17 -22.24
CA VAL I 22 28.03 -2.28 -20.92
C VAL I 22 28.46 -0.91 -20.39
N ILE I 23 29.00 -0.06 -21.26
CA ILE I 23 29.66 1.17 -20.84
C ILE I 23 28.92 2.43 -21.29
N GLY I 24 27.86 2.30 -22.08
CA GLY I 24 27.19 3.47 -22.62
C GLY I 24 26.37 4.26 -21.62
N GLY I 25 25.93 3.63 -20.52
CA GLY I 25 25.08 4.28 -19.54
C GLY I 25 25.63 5.58 -19.01
N LYS I 26 24.74 6.53 -18.72
CA LYS I 26 25.09 7.95 -18.66
C LYS I 26 26.37 8.22 -17.87
N TRP I 27 26.46 7.71 -16.64
CA TRP I 27 27.61 8.02 -15.80
C TRP I 27 28.58 6.85 -15.66
N LYS I 28 28.39 5.78 -16.43
CA LYS I 28 29.10 4.54 -16.12
C LYS I 28 30.60 4.66 -16.37
N MET I 29 30.99 5.32 -17.46
CA MET I 29 32.41 5.48 -17.76
C MET I 29 33.12 6.28 -16.69
N LEU I 30 32.47 7.34 -16.19
CA LEU I 30 33.04 8.11 -15.09
C LEU I 30 33.24 7.25 -13.85
N ILE I 31 32.27 6.39 -13.55
CA ILE I 31 32.38 5.50 -12.38
C ILE I 31 33.54 4.53 -12.56
N LEU I 32 33.55 3.82 -13.69
CA LEU I 32 34.64 2.87 -13.94
C LEU I 32 35.99 3.56 -13.90
N TRP I 33 36.05 4.81 -14.37
CA TRP I 33 37.31 5.56 -14.35
C TRP I 33 37.82 5.74 -12.92
N HIS I 34 36.97 6.25 -12.04
CA HIS I 34 37.39 6.50 -10.66
C HIS I 34 37.77 5.22 -9.95
N LEU I 35 37.06 4.13 -10.23
CA LEU I 35 37.36 2.86 -9.56
C LEU I 35 38.64 2.25 -10.11
N GLY I 36 38.89 2.39 -11.41
CA GLY I 36 40.08 1.82 -12.01
C GLY I 36 41.34 2.62 -11.78
N LYS I 37 41.22 3.92 -11.52
CA LYS I 37 42.38 4.78 -11.30
C LYS I 37 42.58 5.16 -9.85
N GLU I 38 41.59 4.97 -8.98
CA GLU I 38 41.72 5.34 -7.57
C GLU I 38 41.39 4.18 -6.63
N GLY I 39 41.17 2.98 -7.14
CA GLY I 39 40.90 1.85 -6.29
C GLY I 39 39.47 1.77 -5.80
N THR I 40 39.28 0.94 -4.79
CA THR I 40 37.93 0.68 -4.27
C THR I 40 37.41 1.88 -3.51
N LYS I 41 36.14 2.19 -3.72
CA LYS I 41 35.51 3.37 -3.13
C LYS I 41 34.20 2.98 -2.47
N ARG I 42 33.90 3.63 -1.34
CA ARG I 42 32.60 3.47 -0.72
C ARG I 42 31.58 4.34 -1.44
N PHE I 43 30.29 4.05 -1.17
CA PHE I 43 29.23 4.70 -1.91
C PHE I 43 29.30 6.22 -1.77
N ASN I 44 29.32 6.72 -0.54
CA ASN I 44 29.31 8.16 -0.32
C ASN I 44 30.56 8.81 -0.90
N GLU I 45 31.65 8.05 -1.04
CA GLU I 45 32.85 8.60 -1.68
C GLU I 45 32.62 8.80 -3.17
N LEU I 46 32.05 7.80 -3.85
CA LEU I 46 31.66 7.97 -5.24
C LEU I 46 30.67 9.12 -5.40
N LYS I 47 29.72 9.25 -4.47
CA LYS I 47 28.75 10.32 -4.54
C LYS I 47 29.43 11.68 -4.50
N THR I 48 30.46 11.84 -3.66
CA THR I 48 31.13 13.13 -3.58
C THR I 48 32.00 13.38 -4.80
N LEU I 49 32.63 12.34 -5.35
CA LEU I 49 33.42 12.49 -6.57
C LEU I 49 32.55 12.81 -7.78
N ILE I 50 31.25 12.54 -7.70
CA ILE I 50 30.30 12.89 -8.76
C ILE I 50 29.18 13.68 -8.11
N PRO I 51 29.36 14.99 -7.87
CA PRO I 51 28.34 15.75 -7.14
C PRO I 51 27.03 15.91 -7.89
N ASP I 52 27.04 15.79 -9.21
CA ASP I 52 25.85 16.09 -10.01
C ASP I 52 24.90 14.90 -10.14
N ILE I 53 25.32 13.71 -9.72
CA ILE I 53 24.48 12.54 -9.86
C ILE I 53 23.49 12.48 -8.71
N THR I 54 22.31 11.90 -8.97
CA THR I 54 21.34 11.67 -7.92
C THR I 54 21.65 10.36 -7.19
N GLN I 55 21.06 10.22 -6.00
CA GLN I 55 21.23 8.98 -5.23
C GLN I 55 20.75 7.78 -6.02
N LYS I 56 19.51 7.84 -6.53
CA LYS I 56 18.92 6.67 -7.18
C LYS I 56 19.67 6.29 -8.45
N ILE I 57 20.18 7.27 -9.18
CA ILE I 57 20.86 6.98 -10.45
C ILE I 57 22.22 6.35 -10.19
N LEU I 58 22.99 6.89 -9.22
CA LEU I 58 24.25 6.26 -8.86
C LEU I 58 24.02 4.81 -8.44
N VAL I 59 22.99 4.55 -7.63
CA VAL I 59 22.69 3.18 -7.23
C VAL I 59 22.35 2.33 -8.46
N ASN I 60 21.53 2.86 -9.37
CA ASN I 60 21.09 2.07 -10.50
C ASN I 60 22.26 1.69 -11.40
N GLN I 61 23.09 2.66 -11.76
CA GLN I 61 24.20 2.37 -12.67
C GLN I 61 25.20 1.42 -12.01
N LEU I 62 25.43 1.59 -10.71
CA LEU I 62 26.27 0.65 -9.98
C LEU I 62 25.69 -0.75 -10.02
N ARG I 63 24.37 -0.87 -9.90
CA ARG I 63 23.73 -2.18 -9.94
C ARG I 63 23.86 -2.80 -11.32
N GLU I 64 23.59 -2.01 -12.38
CA GLU I 64 23.72 -2.53 -13.74
C GLU I 64 25.15 -2.97 -14.02
N LEU I 65 26.13 -2.23 -13.50
CA LEU I 65 27.53 -2.62 -13.69
C LEU I 65 27.85 -3.90 -12.93
N GLU I 66 27.29 -4.05 -11.72
CA GLU I 66 27.48 -5.30 -10.98
C GLU I 66 26.80 -6.46 -11.69
N GLN I 67 25.57 -6.26 -12.16
CA GLN I 67 24.90 -7.28 -12.96
C GLN I 67 25.77 -7.71 -14.14
N ASP I 68 26.45 -6.75 -14.77
CA ASP I 68 27.29 -7.01 -15.92
C ASP I 68 28.65 -7.59 -15.56
N MET I 69 28.87 -7.88 -14.28
CA MET I 69 30.13 -8.46 -13.78
C MET I 69 31.31 -7.53 -14.04
N ILE I 70 31.08 -6.22 -13.97
CA ILE I 70 32.15 -5.26 -14.23
C ILE I 70 32.59 -4.61 -12.93
N VAL I 71 31.67 -4.51 -11.97
CA VAL I 71 31.94 -3.91 -10.68
C VAL I 71 31.60 -4.92 -9.58
N HIS I 72 32.45 -4.98 -8.56
CA HIS I 72 32.27 -5.85 -7.42
C HIS I 72 31.76 -5.06 -6.22
N ARG I 73 30.66 -5.52 -5.62
CA ARG I 73 30.05 -4.89 -4.46
C ARG I 73 30.33 -5.71 -3.22
N GLU I 74 30.72 -5.04 -2.13
CA GLU I 74 31.04 -5.70 -0.87
C GLU I 74 30.35 -4.96 0.26
N VAL I 75 29.44 -5.65 0.96
CA VAL I 75 28.69 -5.08 2.07
C VAL I 75 29.24 -5.64 3.37
N TYR I 76 29.47 -4.75 4.34
CA TYR I 76 30.02 -5.13 5.64
C TYR I 76 28.97 -4.98 6.73
N PRO I 77 28.83 -5.97 7.62
CA PRO I 77 27.77 -5.93 8.65
C PRO I 77 28.10 -5.03 9.83
N VAL I 78 28.33 -3.74 9.55
CA VAL I 78 28.79 -2.79 10.55
C VAL I 78 27.80 -1.63 10.62
N VAL I 79 27.91 -0.84 11.70
CA VAL I 79 27.15 0.38 11.87
C VAL I 79 28.11 1.53 12.14
N PRO I 80 28.09 2.62 11.34
CA PRO I 80 27.24 2.84 10.17
C PRO I 80 27.53 1.85 9.07
N PRO I 81 26.57 1.64 8.16
CA PRO I 81 26.79 0.69 7.07
C PRO I 81 28.02 1.01 6.25
N LYS I 82 28.53 -0.01 5.57
CA LYS I 82 29.77 0.10 4.79
C LYS I 82 29.60 -0.74 3.53
N VAL I 83 29.59 -0.09 2.38
CA VAL I 83 29.54 -0.77 1.09
C VAL I 83 30.70 -0.28 0.25
N GLU I 84 31.50 -1.22 -0.27
CA GLU I 84 32.68 -0.90 -1.06
C GLU I 84 32.48 -1.33 -2.51
N TYR I 85 32.87 -0.48 -3.43
CA TYR I 85 32.75 -0.75 -4.86
C TYR I 85 34.13 -0.78 -5.50
N SER I 86 34.34 -1.72 -6.41
CA SER I 86 35.66 -1.97 -6.96
C SER I 86 35.51 -2.62 -8.32
N LEU I 87 36.62 -2.66 -9.05
CA LEU I 87 36.65 -3.18 -10.41
C LEU I 87 36.80 -4.69 -10.41
N THR I 88 36.05 -5.33 -11.29
CA THR I 88 36.21 -6.74 -11.58
C THR I 88 37.52 -6.90 -12.36
N PRO I 89 38.08 -8.12 -12.44
CA PRO I 89 39.07 -8.34 -13.51
C PRO I 89 38.59 -7.92 -14.88
N HIS I 90 37.29 -8.06 -15.14
CA HIS I 90 36.76 -7.64 -16.44
C HIS I 90 36.73 -6.12 -16.55
N GLY I 91 36.38 -5.44 -15.46
CA GLY I 91 36.48 -3.99 -15.46
C GLY I 91 37.89 -3.51 -15.80
N GLU I 92 38.89 -4.22 -15.30
CA GLU I 92 40.27 -3.89 -15.66
C GLU I 92 40.55 -4.20 -17.13
N SER I 93 39.86 -5.19 -17.69
CA SER I 93 39.99 -5.44 -19.12
C SER I 93 39.39 -4.30 -19.93
N LEU I 94 38.42 -3.58 -19.37
CA LEU I 94 37.80 -2.46 -20.06
C LEU I 94 38.61 -1.18 -19.95
N MET I 95 39.58 -1.12 -19.04
CA MET I 95 40.36 0.11 -18.86
C MET I 95 41.12 0.54 -20.11
N PRO I 96 41.76 -0.35 -20.88
CA PRO I 96 42.38 0.11 -22.13
C PRO I 96 41.43 0.86 -23.05
N ILE I 97 40.23 0.33 -23.26
CA ILE I 97 39.28 0.95 -24.16
C ILE I 97 38.88 2.35 -23.66
N LEU I 98 38.65 2.48 -22.35
CA LEU I 98 38.30 3.78 -21.80
C LEU I 98 39.45 4.76 -21.93
N GLU I 99 40.68 4.30 -21.72
CA GLU I 99 41.83 5.19 -21.87
C GLU I 99 41.97 5.65 -23.32
N ALA I 100 41.79 4.74 -24.27
CA ALA I 100 41.82 5.10 -25.68
C ALA I 100 40.77 6.17 -25.99
N MET I 101 39.55 5.96 -25.52
CA MET I 101 38.50 6.95 -25.74
C MET I 101 38.81 8.27 -25.06
N TYR I 102 39.57 8.23 -23.96
CA TYR I 102 39.91 9.46 -23.24
C TYR I 102 40.81 10.36 -24.07
N GLU I 103 41.87 9.79 -24.65
CA GLU I 103 42.81 10.60 -25.42
C GLU I 103 42.23 10.99 -26.77
N TRP I 104 41.46 10.10 -27.41
CA TRP I 104 40.77 10.47 -28.64
C TRP I 104 39.84 11.66 -28.39
N GLY I 105 39.08 11.62 -27.31
CA GLY I 105 38.21 12.73 -26.99
C GLY I 105 38.98 14.01 -26.72
N LYS I 106 40.13 13.88 -26.05
CA LYS I 106 40.94 15.07 -25.78
C LYS I 106 41.49 15.66 -27.09
N GLY I 107 41.97 14.80 -27.98
CA GLY I 107 42.40 15.27 -29.28
C GLY I 107 41.27 15.94 -30.04
N TYR I 108 40.12 15.26 -30.14
CA TYR I 108 38.96 15.83 -30.81
C TYR I 108 38.58 17.19 -30.22
N MET I 109 38.64 17.35 -28.89
CA MET I 109 38.01 18.51 -28.28
C MET I 109 38.70 19.81 -28.68
N GLU I 110 40.05 19.80 -28.74
CA GLU I 110 40.79 20.99 -29.11
C GLU I 110 41.02 21.08 -30.62
N LEU I 111 40.77 20.00 -31.35
CA LEU I 111 40.66 20.14 -32.79
C LEU I 111 39.51 21.08 -33.15
N ILE I 112 38.36 20.91 -32.47
CA ILE I 112 37.17 21.69 -32.77
C ILE I 112 37.11 22.99 -32.01
N ASP I 113 38.13 23.32 -31.20
CA ASP I 113 38.07 24.50 -30.35
C ASP I 113 39.26 25.45 -30.54
N ILE I 114 40.04 25.30 -31.60
CA ILE I 114 41.12 26.25 -31.86
C ILE I 114 40.54 27.51 -32.49
N SER J 5 29.68 23.07 -32.63
CA SER J 5 29.32 21.72 -33.03
C SER J 5 27.93 21.36 -32.50
N ARG J 6 27.70 20.06 -32.30
CA ARG J 6 26.46 19.62 -31.66
C ARG J 6 26.53 19.76 -30.16
N MET J 7 27.75 19.66 -29.62
CA MET J 7 28.00 19.61 -28.17
C MET J 7 28.26 21.00 -27.57
N ASP J 8 27.91 22.06 -28.30
CA ASP J 8 28.23 23.39 -27.80
C ASP J 8 27.63 23.65 -26.42
N ASP J 9 26.43 23.09 -26.17
CA ASP J 9 25.67 23.23 -24.94
C ASP J 9 25.58 21.94 -24.13
N LYS J 10 26.08 20.86 -24.71
CA LYS J 10 26.20 19.70 -23.81
C LYS J 10 27.30 20.07 -22.80
N ARG J 11 27.28 19.42 -21.66
CA ARG J 11 28.27 19.54 -20.60
C ARG J 11 28.82 18.18 -20.26
N PHE J 12 30.14 18.09 -20.03
CA PHE J 12 30.79 16.81 -19.85
C PHE J 12 31.69 16.84 -18.61
N ASN J 13 31.68 15.73 -17.87
CA ASN J 13 32.63 15.54 -16.77
C ASN J 13 33.93 14.91 -17.22
N CYS J 14 33.96 14.35 -18.44
CA CYS J 14 35.16 13.72 -18.98
C CYS J 14 35.14 13.87 -20.49
N GLU J 15 36.32 13.74 -21.09
CA GLU J 15 36.44 13.78 -22.54
C GLU J 15 36.16 12.43 -23.18
N LYS J 16 36.15 11.35 -22.39
CA LYS J 16 35.65 10.09 -22.90
C LYS J 16 34.16 10.16 -23.18
N GLU J 17 33.43 10.96 -22.41
CA GLU J 17 32.01 11.17 -22.68
C GLU J 17 31.78 11.84 -24.03
N LEU J 18 32.76 12.58 -24.54
CA LEU J 18 32.61 13.18 -25.85
C LEU J 18 32.76 12.15 -26.96
N THR J 19 33.79 11.30 -26.87
CA THR J 19 33.90 10.17 -27.78
C THR J 19 32.60 9.38 -27.85
N LEU J 20 32.01 9.10 -26.68
CA LEU J 20 30.75 8.38 -26.63
C LEU J 20 29.63 9.17 -27.31
N ALA J 21 29.63 10.49 -27.12
CA ALA J 21 28.60 11.33 -27.75
C ALA J 21 28.71 11.30 -29.28
N VAL J 22 29.87 10.94 -29.80
CA VAL J 22 30.08 10.89 -31.24
C VAL J 22 29.67 9.54 -31.82
N ILE J 23 29.99 8.45 -31.12
CA ILE J 23 29.72 7.09 -31.62
C ILE J 23 28.59 6.41 -30.87
N GLY J 24 27.93 7.10 -29.94
CA GLY J 24 26.92 6.45 -29.11
C GLY J 24 25.57 6.29 -29.75
N GLY J 25 25.24 7.10 -30.75
CA GLY J 25 23.97 7.02 -31.45
C GLY J 25 23.63 5.61 -31.88
N LYS J 26 22.33 5.31 -32.00
CA LYS J 26 21.88 3.92 -32.00
C LYS J 26 22.54 3.09 -33.10
N TRP J 27 22.65 3.65 -34.31
CA TRP J 27 23.17 2.87 -35.43
C TRP J 27 24.55 3.31 -35.87
N LYS J 28 25.15 4.32 -35.22
CA LYS J 28 26.33 4.98 -35.76
C LYS J 28 27.51 4.02 -35.87
N MET J 29 27.79 3.25 -34.81
CA MET J 29 28.91 2.33 -34.85
C MET J 29 28.79 1.33 -36.00
N LEU J 30 27.56 0.94 -36.34
CA LEU J 30 27.34 0.06 -37.48
C LEU J 30 27.68 0.76 -38.78
N ILE J 31 27.26 2.03 -38.93
CA ILE J 31 27.55 2.80 -40.13
C ILE J 31 29.06 2.98 -40.28
N LEU J 32 29.72 3.47 -39.23
CA LEU J 32 31.16 3.70 -39.29
C LEU J 32 31.92 2.40 -39.60
N TRP J 33 31.39 1.26 -39.14
CA TRP J 33 32.07 0.00 -39.40
C TRP J 33 32.05 -0.35 -40.88
N HIS J 34 30.88 -0.21 -41.51
CA HIS J 34 30.76 -0.60 -42.91
C HIS J 34 31.47 0.38 -43.82
N LEU J 35 31.39 1.69 -43.51
CA LEU J 35 32.07 2.68 -44.33
C LEU J 35 33.58 2.51 -44.27
N GLY J 36 34.12 2.19 -43.10
CA GLY J 36 35.55 2.07 -42.92
C GLY J 36 36.15 0.72 -43.25
N LYS J 37 35.33 -0.31 -43.43
CA LYS J 37 35.84 -1.65 -43.70
C LYS J 37 35.56 -2.16 -45.11
N GLU J 38 34.62 -1.54 -45.83
CA GLU J 38 34.43 -1.84 -47.24
C GLU J 38 34.27 -0.57 -48.08
N GLY J 39 34.76 0.56 -47.58
CA GLY J 39 34.88 1.75 -48.40
C GLY J 39 33.60 2.57 -48.51
N THR J 40 33.59 3.43 -49.53
CA THR J 40 32.46 4.31 -49.78
C THR J 40 31.26 3.54 -50.29
N LYS J 41 30.08 3.91 -49.79
CA LYS J 41 28.83 3.32 -50.25
C LYS J 41 27.76 4.40 -50.34
N ARG J 42 26.85 4.27 -51.29
CA ARG J 42 25.77 5.24 -51.43
C ARG J 42 24.72 5.00 -50.35
N PHE J 43 23.72 5.90 -50.30
CA PHE J 43 22.75 5.87 -49.21
C PHE J 43 22.01 4.53 -49.18
N ASN J 44 21.27 4.22 -50.24
CA ASN J 44 20.46 3.00 -50.26
C ASN J 44 21.33 1.74 -50.19
N GLU J 45 22.60 1.84 -50.61
CA GLU J 45 23.52 0.75 -50.40
C GLU J 45 23.78 0.51 -48.91
N LEU J 46 23.85 1.59 -48.13
CA LEU J 46 23.90 1.44 -46.68
C LEU J 46 22.57 0.90 -46.14
N LYS J 47 21.45 1.36 -46.71
CA LYS J 47 20.14 0.91 -46.24
C LYS J 47 19.96 -0.60 -46.44
N THR J 48 20.52 -1.16 -47.52
CA THR J 48 20.44 -2.62 -47.67
C THR J 48 21.43 -3.33 -46.75
N LEU J 49 22.58 -2.71 -46.46
CA LEU J 49 23.53 -3.30 -45.53
C LEU J 49 22.97 -3.36 -44.12
N ILE J 50 22.07 -2.45 -43.77
CA ILE J 50 21.39 -2.44 -42.49
C ILE J 50 19.89 -2.46 -42.76
N PRO J 51 19.29 -3.64 -42.92
CA PRO J 51 17.89 -3.69 -43.36
C PRO J 51 16.91 -3.18 -42.32
N ASP J 52 17.26 -3.22 -41.03
CA ASP J 52 16.30 -2.85 -40.00
C ASP J 52 16.10 -1.34 -39.92
N ILE J 53 17.09 -0.56 -40.34
CA ILE J 53 17.06 0.89 -40.10
C ILE J 53 16.00 1.54 -40.96
N THR J 54 15.29 2.51 -40.38
CA THR J 54 14.37 3.34 -41.14
C THR J 54 15.14 4.48 -41.79
N GLN J 55 14.62 4.97 -42.92
CA GLN J 55 15.37 5.94 -43.72
C GLN J 55 15.58 7.25 -42.96
N LYS J 56 14.53 7.74 -42.28
CA LYS J 56 14.64 9.00 -41.56
C LYS J 56 15.71 8.94 -40.48
N ILE J 57 15.81 7.81 -39.79
CA ILE J 57 16.84 7.67 -38.75
C ILE J 57 18.22 7.57 -39.40
N LEU J 58 18.31 6.90 -40.55
CA LEU J 58 19.60 6.76 -41.22
C LEU J 58 20.19 8.12 -41.57
N VAL J 59 19.38 9.01 -42.14
CA VAL J 59 19.90 10.32 -42.51
C VAL J 59 20.26 11.11 -41.26
N ASN J 60 19.46 11.02 -40.19
CA ASN J 60 19.72 11.80 -39.00
C ASN J 60 21.06 11.43 -38.39
N GLN J 61 21.38 10.13 -38.36
CA GLN J 61 22.65 9.70 -37.81
C GLN J 61 23.80 10.07 -38.73
N LEU J 62 23.58 10.01 -40.04
CA LEU J 62 24.61 10.45 -40.97
C LEU J 62 24.84 11.95 -40.86
N ARG J 63 23.76 12.74 -40.77
CA ARG J 63 23.91 14.19 -40.65
C ARG J 63 24.61 14.58 -39.37
N GLU J 64 24.47 13.78 -38.32
CA GLU J 64 25.16 14.07 -37.07
C GLU J 64 26.62 13.66 -37.14
N LEU J 65 26.92 12.52 -37.77
CA LEU J 65 28.30 12.16 -38.03
C LEU J 65 28.96 13.11 -39.04
N GLU J 66 28.17 13.63 -39.99
CA GLU J 66 28.68 14.67 -40.88
C GLU J 66 29.00 15.93 -40.09
N GLN J 67 28.04 16.41 -39.29
CA GLN J 67 28.26 17.60 -38.48
C GLN J 67 29.40 17.39 -37.49
N ASP J 68 29.65 16.16 -37.07
CA ASP J 68 30.76 15.83 -36.20
C ASP J 68 32.07 15.66 -36.95
N MET J 69 32.07 15.88 -38.26
CA MET J 69 33.26 15.79 -39.10
C MET J 69 33.87 14.38 -39.09
N ILE J 70 33.02 13.37 -39.01
CA ILE J 70 33.46 11.97 -38.98
C ILE J 70 33.18 11.32 -40.34
N VAL J 71 32.13 11.77 -41.01
CA VAL J 71 31.68 11.19 -42.26
C VAL J 71 31.62 12.28 -43.32
N HIS J 72 32.17 12.00 -44.50
CA HIS J 72 32.09 12.92 -45.63
C HIS J 72 30.91 12.52 -46.53
N ARG J 73 30.09 13.51 -46.90
CA ARG J 73 28.93 13.31 -47.75
C ARG J 73 29.13 14.08 -49.05
N GLU J 74 29.15 13.36 -50.17
CA GLU J 74 29.31 13.94 -51.50
C GLU J 74 28.10 13.59 -52.34
N VAL J 75 27.36 14.61 -52.75
CA VAL J 75 26.15 14.46 -53.55
C VAL J 75 26.42 14.97 -54.96
N TYR J 76 26.07 14.16 -55.97
CA TYR J 76 26.35 14.45 -57.37
C TYR J 76 25.09 14.90 -58.10
N PRO J 77 25.18 15.91 -58.96
CA PRO J 77 24.00 16.46 -59.64
C PRO J 77 23.56 15.63 -60.84
N VAL J 78 23.20 14.37 -60.57
CA VAL J 78 22.84 13.43 -61.61
C VAL J 78 21.38 13.03 -61.46
N VAL J 79 20.91 12.22 -62.43
CA VAL J 79 19.58 11.65 -62.40
C VAL J 79 19.71 10.18 -62.81
N PRO J 80 19.37 9.22 -61.94
CA PRO J 80 18.81 9.42 -60.59
C PRO J 80 19.83 9.99 -59.63
N PRO J 81 19.37 10.67 -58.57
CA PRO J 81 20.29 11.27 -57.59
C PRO J 81 21.32 10.29 -57.07
N LYS J 82 22.45 10.83 -56.59
CA LYS J 82 23.55 9.98 -56.10
C LYS J 82 24.25 10.71 -54.99
N VAL J 83 24.24 10.12 -53.79
CA VAL J 83 24.95 10.66 -52.63
C VAL J 83 25.84 9.56 -52.09
N GLU J 84 27.12 9.88 -51.90
CA GLU J 84 28.11 8.91 -51.45
C GLU J 84 28.60 9.29 -50.07
N TYR J 85 28.72 8.29 -49.19
CA TYR J 85 29.16 8.49 -47.81
C TYR J 85 30.47 7.76 -47.57
N SER J 86 31.40 8.44 -46.92
CA SER J 86 32.72 7.89 -46.67
C SER J 86 33.27 8.47 -45.38
N LEU J 87 34.36 7.88 -44.91
CA LEU J 87 34.99 8.30 -43.66
C LEU J 87 36.02 9.39 -43.92
N THR J 88 35.94 10.46 -43.13
CA THR J 88 36.99 11.46 -43.08
C THR J 88 38.20 10.87 -42.35
N PRO J 89 39.35 11.57 -42.37
CA PRO J 89 40.50 11.07 -41.59
C PRO J 89 40.20 10.82 -40.12
N HIS J 90 39.27 11.59 -39.52
CA HIS J 90 38.92 11.32 -38.13
C HIS J 90 38.11 10.04 -37.99
N GLY J 91 37.24 9.77 -38.95
CA GLY J 91 36.56 8.47 -38.97
C GLY J 91 37.53 7.33 -39.08
N GLU J 92 38.55 7.48 -39.92
CA GLU J 92 39.59 6.47 -40.03
C GLU J 92 40.35 6.31 -38.71
N SER J 93 40.39 7.36 -37.90
CA SER J 93 41.09 7.30 -36.62
C SER J 93 40.26 6.67 -35.52
N LEU J 94 38.93 6.59 -35.70
CA LEU J 94 38.05 5.91 -34.76
C LEU J 94 38.07 4.40 -34.94
N MET J 95 38.62 3.91 -36.05
CA MET J 95 38.57 2.47 -36.31
C MET J 95 39.38 1.63 -35.33
N PRO J 96 40.54 2.07 -34.84
CA PRO J 96 41.21 1.26 -33.80
C PRO J 96 40.35 1.05 -32.56
N ILE J 97 39.62 2.08 -32.13
CA ILE J 97 38.74 1.94 -30.98
C ILE J 97 37.59 1.01 -31.29
N LEU J 98 36.99 1.13 -32.47
CA LEU J 98 35.87 0.27 -32.83
C LEU J 98 36.30 -1.20 -32.88
N GLU J 99 37.50 -1.48 -33.38
CA GLU J 99 37.97 -2.86 -33.41
C GLU J 99 38.31 -3.36 -32.02
N ALA J 100 38.81 -2.49 -31.14
CA ALA J 100 39.04 -2.89 -29.75
C ALA J 100 37.74 -3.25 -29.07
N MET J 101 36.68 -2.49 -29.35
CA MET J 101 35.37 -2.80 -28.79
C MET J 101 34.79 -4.07 -29.40
N TYR J 102 35.07 -4.32 -30.68
CA TYR J 102 34.59 -5.54 -31.31
C TYR J 102 35.15 -6.77 -30.62
N GLU J 103 36.46 -6.77 -30.33
CA GLU J 103 37.07 -7.95 -29.75
C GLU J 103 36.78 -8.10 -28.27
N TRP J 104 36.72 -6.97 -27.53
CA TRP J 104 36.27 -7.06 -26.14
C TRP J 104 34.84 -7.55 -26.06
N GLY J 105 34.00 -7.13 -27.02
CA GLY J 105 32.61 -7.54 -27.02
C GLY J 105 32.42 -9.04 -27.16
N LYS J 106 33.23 -9.67 -28.03
CA LYS J 106 33.10 -11.10 -28.24
C LYS J 106 33.82 -11.89 -27.15
N GLY J 107 34.84 -11.30 -26.54
CA GLY J 107 35.33 -11.87 -25.30
C GLY J 107 34.26 -11.89 -24.23
N TYR J 108 33.49 -10.81 -24.13
CA TYR J 108 32.39 -10.76 -23.17
C TYR J 108 31.27 -11.72 -23.56
N MET J 109 30.81 -11.66 -24.81
CA MET J 109 29.71 -12.51 -25.24
C MET J 109 30.02 -13.98 -25.03
N GLU J 110 31.28 -14.38 -25.27
CA GLU J 110 31.66 -15.78 -25.12
C GLU J 110 31.51 -16.24 -23.68
N LEU J 111 31.90 -15.40 -22.72
CA LEU J 111 31.88 -15.81 -21.33
C LEU J 111 30.50 -15.70 -20.69
N ILE J 112 29.65 -14.77 -21.12
CA ILE J 112 28.39 -14.61 -20.39
C ILE J 112 27.40 -15.68 -20.78
N ASP J 113 27.56 -16.24 -21.99
CA ASP J 113 26.74 -17.37 -22.42
C ASP J 113 27.54 -18.67 -22.29
N ILE J 114 27.80 -19.02 -21.03
CA ILE J 114 28.32 -20.31 -20.64
C ILE J 114 27.38 -20.86 -19.57
#